data_6FHP
#
_entry.id   6FHP
#
_cell.length_a   64.070
_cell.length_b   90.050
_cell.length_c   69.070
_cell.angle_alpha   90.000
_cell.angle_beta   99.040
_cell.angle_gamma   90.000
#
_symmetry.space_group_name_H-M   'P 1 21 1'
#
loop_
_entity.id
_entity.type
_entity.pdbx_description
1 polymer 'Dispase autolysis-inducing protein'
2 polymer Thermolysin
3 water water
#
loop_
_entity_poly.entity_id
_entity_poly.type
_entity_poly.pdbx_seq_one_letter_code
_entity_poly.pdbx_strand_id
1 'polypeptide(L)'
;SGWRAPSCTKVTGDGAVTFTTDDGATLAPTTGTLQSVSYTHGLVALDTPNTLLATHNDELQRSTDAGCTWTKVATLGSGS
TWLTAATGGRAFAWEKNGGYLARVDGRTVTKLSSPSADIVGVGTDKARRDHVRLAGSDGQLYDSTDAGATWKPLGKLAFG
PGASVYTVSFDPADLDHAVAGGMTTGGAVTTDGGATWTAATGLSATAGGKSNLFAASVSPADRNVVYALGIDLVEAAPNS
GAEGRHLYRSTDGGRTYTRIVDDTPDTELTNSTLLAPSPVDPNVLYFEYGTYFQAYGTDLYRYDARTGKVGKTHNAHDGI
SAIAFNPARPSVMYLGLEEVQI
;
A,B
2 'polypeptide(L)' VVGIGRDKLGKIFYRALTQYLTPTSNFSQLRAAAVQSATDLYGSTSQEVASVKQAFDAVGVK C,D
#
# COMPACT_ATOMS: atom_id res chain seq x y z
N SER A 1 -12.41 3.20 47.92
CA SER A 1 -13.22 4.26 47.33
C SER A 1 -13.48 3.98 45.85
N GLY A 2 -14.66 4.37 45.38
CA GLY A 2 -15.07 4.14 44.02
C GLY A 2 -14.65 5.25 43.07
N TRP A 3 -15.19 5.20 41.86
CA TRP A 3 -14.91 6.21 40.85
C TRP A 3 -15.30 7.60 41.36
N ARG A 4 -14.48 8.59 41.01
N ARG A 4 -14.47 8.59 41.01
CA ARG A 4 -14.73 9.98 41.35
CA ARG A 4 -14.69 9.98 41.37
C ARG A 4 -14.38 10.85 40.16
C ARG A 4 -14.35 10.86 40.17
N ALA A 5 -14.88 12.09 40.20
CA ALA A 5 -14.45 13.09 39.24
C ALA A 5 -12.97 13.41 39.47
N PRO A 6 -12.25 13.86 38.45
CA PRO A 6 -10.81 14.16 38.62
C PRO A 6 -10.60 15.20 39.71
N SER A 7 -9.63 14.94 40.57
CA SER A 7 -9.31 15.85 41.68
C SER A 7 -8.17 16.79 41.31
N CYS A 8 -8.31 17.48 40.18
CA CYS A 8 -7.27 18.36 39.69
C CYS A 8 -7.90 19.38 38.75
N THR A 9 -7.13 20.44 38.49
CA THR A 9 -7.46 21.39 37.44
C THR A 9 -6.51 21.30 36.26
N LYS A 10 -5.31 20.73 36.47
CA LYS A 10 -4.34 20.55 35.41
C LYS A 10 -3.90 19.08 35.41
N VAL A 11 -3.65 18.54 34.21
CA VAL A 11 -3.34 17.13 34.00
C VAL A 11 -1.83 16.97 33.88
N THR A 12 -1.26 16.05 34.65
CA THR A 12 0.16 15.67 34.50
C THR A 12 0.23 14.58 33.44
N GLY A 13 0.62 14.95 32.23
CA GLY A 13 0.67 14.00 31.13
C GLY A 13 1.31 14.64 29.92
N ASP A 14 1.58 13.81 28.91
CA ASP A 14 2.32 14.29 27.75
C ASP A 14 1.48 15.15 26.81
N GLY A 15 0.18 15.31 27.10
CA GLY A 15 -0.70 16.13 26.30
C GLY A 15 -1.68 15.35 25.43
N ALA A 16 -1.53 14.03 25.34
CA ALA A 16 -2.38 13.24 24.48
C ALA A 16 -3.80 13.09 25.03
N VAL A 17 -3.99 13.23 26.34
CA VAL A 17 -5.30 13.03 26.96
C VAL A 17 -5.58 14.17 27.93
N THR A 18 -6.77 14.75 27.82
CA THR A 18 -7.23 15.78 28.75
C THR A 18 -8.68 15.48 29.08
N PHE A 19 -9.33 16.39 29.79
CA PHE A 19 -10.75 16.23 30.07
C PHE A 19 -11.46 17.57 30.03
N THR A 20 -12.78 17.50 29.92
CA THR A 20 -13.64 18.67 29.90
C THR A 20 -14.83 18.36 30.78
N THR A 21 -15.34 19.37 31.49
CA THR A 21 -16.55 19.25 32.30
C THR A 21 -17.73 20.00 31.68
N ASP A 22 -17.54 20.62 30.51
CA ASP A 22 -18.56 21.47 29.90
C ASP A 22 -18.64 21.18 28.40
N ASP A 23 -18.56 19.90 28.05
CA ASP A 23 -18.82 19.45 26.68
C ASP A 23 -17.81 20.03 25.70
N GLY A 24 -16.61 20.33 26.18
CA GLY A 24 -15.55 20.81 25.32
C GLY A 24 -15.39 22.32 25.23
N ALA A 25 -16.20 23.10 25.94
CA ALA A 25 -15.98 24.55 25.95
C ALA A 25 -14.64 24.92 26.59
N THR A 26 -14.22 24.18 27.61
CA THR A 26 -12.90 24.37 28.20
C THR A 26 -12.25 23.01 28.39
N LEU A 27 -10.95 22.94 28.09
CA LEU A 27 -10.17 21.72 28.19
C LEU A 27 -9.14 21.91 29.30
N ALA A 28 -8.91 20.88 30.10
CA ALA A 28 -7.94 21.01 31.17
C ALA A 28 -6.55 21.16 30.57
N PRO A 29 -5.73 22.09 31.05
CA PRO A 29 -4.35 22.15 30.58
C PRO A 29 -3.59 20.89 30.96
N THR A 30 -2.57 20.58 30.17
CA THR A 30 -1.69 19.44 30.42
C THR A 30 -0.27 19.95 30.63
N THR A 31 0.49 19.26 31.48
CA THR A 31 1.88 19.66 31.67
C THR A 31 2.66 19.54 30.37
N GLY A 32 2.53 18.40 29.69
CA GLY A 32 3.22 18.21 28.44
C GLY A 32 2.49 18.80 27.25
N THR A 33 3.24 19.01 26.17
CA THR A 33 2.70 19.58 24.94
C THR A 33 2.69 18.48 23.88
N LEU A 34 1.52 18.21 23.32
CA LEU A 34 1.40 17.18 22.30
C LEU A 34 2.21 17.55 21.07
N GLN A 35 2.91 16.56 20.51
CA GLN A 35 3.84 16.77 19.41
C GLN A 35 3.35 16.06 18.14
N SER A 36 3.57 16.70 17.00
CA SER A 36 3.40 16.00 15.73
C SER A 36 4.48 14.95 15.58
N VAL A 37 4.13 13.80 15.02
CA VAL A 37 2.77 13.45 14.66
C VAL A 37 2.21 12.54 15.76
N SER A 38 0.99 12.82 16.22
CA SER A 38 0.40 12.08 17.33
C SER A 38 -1.07 11.80 17.08
N TYR A 39 -1.48 10.57 17.35
CA TYR A 39 -2.88 10.19 17.45
C TYR A 39 -3.08 9.44 18.76
N THR A 40 -4.26 9.59 19.34
CA THR A 40 -4.65 8.84 20.53
C THR A 40 -5.94 8.10 20.20
N HIS A 41 -5.80 6.99 19.46
CA HIS A 41 -6.98 6.23 19.07
C HIS A 41 -7.56 5.42 20.23
N GLY A 42 -6.73 5.03 21.19
CA GLY A 42 -7.18 4.21 22.30
C GLY A 42 -7.40 5.04 23.55
N LEU A 43 -8.60 4.93 24.10
CA LEU A 43 -8.90 5.61 25.37
C LEU A 43 -10.17 4.99 25.94
N VAL A 44 -10.06 4.35 27.12
CA VAL A 44 -11.22 3.76 27.78
C VAL A 44 -11.12 3.99 29.28
N ALA A 45 -12.28 4.17 29.90
CA ALA A 45 -12.40 4.11 31.34
C ALA A 45 -12.70 2.66 31.71
N LEU A 46 -11.94 2.13 32.67
CA LEU A 46 -12.12 0.76 33.13
C LEU A 46 -13.08 0.71 34.30
N ASP A 47 -13.53 -0.50 34.63
CA ASP A 47 -14.39 -0.64 35.80
C ASP A 47 -13.60 -0.46 37.09
N THR A 48 -12.31 -0.77 37.08
CA THR A 48 -11.41 -0.51 38.18
C THR A 48 -11.51 0.97 38.60
N PRO A 49 -11.80 1.26 39.87
CA PRO A 49 -12.01 2.67 40.26
C PRO A 49 -10.89 3.61 39.80
N ASN A 50 -11.31 4.69 39.15
CA ASN A 50 -10.45 5.80 38.73
C ASN A 50 -9.34 5.40 37.76
N THR A 51 -9.50 4.30 37.03
CA THR A 51 -8.45 3.79 36.15
C THR A 51 -8.87 3.91 34.69
N LEU A 52 -7.98 4.50 33.89
CA LEU A 52 -8.14 4.60 32.45
C LEU A 52 -6.88 4.11 31.77
N LEU A 53 -7.06 3.66 30.52
CA LEU A 53 -5.97 3.29 29.64
C LEU A 53 -6.07 4.13 28.36
N ALA A 54 -4.92 4.45 27.78
CA ALA A 54 -4.89 5.17 26.52
C ALA A 54 -3.68 4.69 25.72
N THR A 55 -3.79 4.76 24.40
CA THR A 55 -2.64 4.54 23.54
C THR A 55 -2.36 5.81 22.76
N HIS A 56 -1.20 6.40 23.03
CA HIS A 56 -0.72 7.58 22.34
C HIS A 56 0.35 7.09 21.38
N ASN A 57 0.00 6.95 20.10
CA ASN A 57 0.83 6.27 19.10
C ASN A 57 1.08 4.86 19.62
N ASP A 58 2.32 4.40 19.79
CA ASP A 58 2.57 3.07 20.31
C ASP A 58 2.83 3.06 21.81
N GLU A 59 2.62 4.18 22.50
CA GLU A 59 2.82 4.25 23.94
C GLU A 59 1.49 3.93 24.63
N LEU A 60 1.44 2.81 25.35
CA LEU A 60 0.31 2.51 26.22
C LEU A 60 0.47 3.28 27.52
N GLN A 61 -0.59 3.98 27.91
CA GLN A 61 -0.57 4.87 29.07
C GLN A 61 -1.66 4.48 30.04
N ARG A 62 -1.46 4.84 31.31
CA ARG A 62 -2.39 4.49 32.35
C ARG A 62 -2.52 5.63 33.35
N SER A 63 -3.73 5.77 33.85
CA SER A 63 -4.04 6.69 34.93
C SER A 63 -4.81 5.92 35.99
N THR A 64 -4.47 6.15 37.26
CA THR A 64 -5.23 5.55 38.36
C THR A 64 -5.81 6.61 39.27
N ASP A 65 -5.73 7.89 38.91
CA ASP A 65 -6.39 8.96 39.64
C ASP A 65 -7.40 9.70 38.75
N ALA A 66 -8.13 8.93 37.96
CA ALA A 66 -9.25 9.43 37.15
C ALA A 66 -8.81 10.46 36.13
N GLY A 67 -7.59 10.33 35.62
CA GLY A 67 -7.10 11.20 34.57
C GLY A 67 -6.26 12.37 35.03
N CYS A 68 -5.97 12.49 36.32
CA CYS A 68 -5.12 13.60 36.77
C CYS A 68 -3.66 13.37 36.44
N THR A 69 -3.22 12.13 36.39
CA THR A 69 -1.83 11.81 36.06
C THR A 69 -1.82 10.64 35.09
N TRP A 70 -1.02 10.76 34.04
CA TRP A 70 -0.88 9.71 33.02
C TRP A 70 0.58 9.28 32.96
N THR A 71 0.82 7.99 33.05
CA THR A 71 2.16 7.43 33.04
C THR A 71 2.27 6.33 32.00
N LYS A 72 3.45 6.23 31.39
CA LYS A 72 3.70 5.21 30.38
C LYS A 72 3.77 3.82 31.03
N VAL A 73 3.01 2.89 30.47
CA VAL A 73 2.97 1.50 30.93
C VAL A 73 3.89 0.62 30.09
N ALA A 74 3.70 0.62 28.77
CA ALA A 74 4.51 -0.20 27.87
C ALA A 74 4.48 0.40 26.49
N THR A 75 5.37 -0.10 25.63
CA THR A 75 5.34 0.17 24.20
C THR A 75 4.65 -0.98 23.50
N LEU A 76 3.66 -0.68 22.68
CA LEU A 76 2.93 -1.72 21.96
C LEU A 76 3.57 -1.97 20.60
N GLY A 77 3.25 -3.13 20.03
CA GLY A 77 3.83 -3.50 18.74
C GLY A 77 3.34 -2.64 17.59
N SER A 78 2.15 -2.06 17.73
CA SER A 78 1.57 -1.22 16.70
C SER A 78 1.47 0.21 17.19
N GLY A 79 1.72 1.17 16.31
CA GLY A 79 1.61 2.55 16.68
C GLY A 79 0.23 3.14 16.50
N SER A 80 -0.76 2.29 16.21
CA SER A 80 -2.13 2.74 15.92
C SER A 80 -3.08 1.68 16.46
N THR A 81 -3.52 1.85 17.71
CA THR A 81 -4.39 0.87 18.33
C THR A 81 -5.60 1.53 18.98
N TRP A 82 -6.71 0.79 18.95
CA TRP A 82 -7.95 1.12 19.63
C TRP A 82 -8.10 0.22 20.85
N LEU A 83 -8.83 0.70 21.85
CA LEU A 83 -8.97 -0.02 23.12
C LEU A 83 -10.43 -0.42 23.35
N THR A 84 -10.62 -1.64 23.88
CA THR A 84 -11.93 -2.14 24.27
C THR A 84 -11.83 -2.65 25.70
N ALA A 85 -12.61 -2.07 26.61
CA ALA A 85 -12.55 -2.46 28.01
C ALA A 85 -13.23 -3.81 28.23
N ALA A 86 -12.70 -4.57 29.19
CA ALA A 86 -13.30 -5.79 29.69
C ALA A 86 -13.49 -5.67 31.20
N THR A 87 -14.38 -6.51 31.74
CA THR A 87 -14.63 -6.46 33.17
C THR A 87 -13.43 -6.97 33.95
N GLY A 88 -13.19 -6.36 35.11
CA GLY A 88 -12.10 -6.79 35.97
C GLY A 88 -10.75 -6.27 35.57
N GLY A 89 -10.64 -4.96 35.36
CA GLY A 89 -9.35 -4.34 35.12
C GLY A 89 -8.68 -4.70 33.81
N ARG A 90 -9.43 -5.19 32.83
CA ARG A 90 -8.87 -5.76 31.62
C ARG A 90 -9.30 -4.95 30.41
N ALA A 91 -8.43 -4.92 29.38
CA ALA A 91 -8.76 -4.31 28.11
C ALA A 91 -8.01 -5.03 26.98
N PHE A 92 -8.50 -4.84 25.76
CA PHE A 92 -7.86 -5.36 24.56
C PHE A 92 -7.47 -4.19 23.66
N ALA A 93 -6.20 -4.17 23.24
CA ALA A 93 -5.71 -3.22 22.24
C ALA A 93 -5.67 -3.91 20.88
N TRP A 94 -6.10 -3.21 19.84
CA TRP A 94 -6.17 -3.80 18.51
C TRP A 94 -6.05 -2.72 17.46
N GLU A 95 -5.41 -3.05 16.34
CA GLU A 95 -5.28 -2.08 15.25
C GLU A 95 -6.42 -2.28 14.27
N LYS A 96 -7.20 -1.22 14.06
CA LYS A 96 -8.31 -1.29 13.13
C LYS A 96 -7.77 -1.46 11.72
N ASN A 97 -8.34 -2.42 10.98
CA ASN A 97 -7.86 -2.80 9.64
C ASN A 97 -6.42 -3.28 9.66
N GLY A 98 -5.98 -3.78 10.81
CA GLY A 98 -4.64 -4.33 10.97
C GLY A 98 -4.69 -5.67 11.68
N GLY A 99 -3.52 -6.22 12.03
CA GLY A 99 -3.48 -7.53 12.65
C GLY A 99 -3.14 -7.57 14.14
N TYR A 100 -2.57 -6.48 14.66
CA TYR A 100 -2.09 -6.47 16.04
C TYR A 100 -3.24 -6.63 17.03
N LEU A 101 -3.04 -7.51 18.01
CA LEU A 101 -4.03 -7.76 19.05
C LEU A 101 -3.30 -8.13 20.33
N ALA A 102 -3.62 -7.43 21.42
CA ALA A 102 -2.95 -7.68 22.70
C ALA A 102 -3.93 -7.45 23.84
N ARG A 103 -3.66 -8.10 24.97
CA ARG A 103 -4.48 -7.97 26.16
C ARG A 103 -3.74 -7.13 27.20
N VAL A 104 -4.51 -6.30 27.92
CA VAL A 104 -3.99 -5.54 29.04
C VAL A 104 -4.71 -6.05 30.27
N ASP A 105 -3.97 -6.69 31.16
CA ASP A 105 -4.49 -7.13 32.45
C ASP A 105 -3.80 -6.25 33.48
N GLY A 106 -4.54 -5.26 33.99
CA GLY A 106 -3.96 -4.25 34.86
C GLY A 106 -2.85 -3.46 34.21
N ARG A 107 -1.61 -3.77 34.58
CA ARG A 107 -0.43 -3.19 33.98
C ARG A 107 0.32 -4.19 33.10
N THR A 108 -0.23 -5.39 32.92
CA THR A 108 0.45 -6.45 32.17
C THR A 108 -0.04 -6.50 30.74
N VAL A 109 0.90 -6.49 29.79
CA VAL A 109 0.60 -6.53 28.36
C VAL A 109 0.97 -7.91 27.82
N THR A 110 0.00 -8.59 27.22
CA THR A 110 0.18 -9.90 26.62
C THR A 110 -0.16 -9.81 25.13
N LYS A 111 0.84 -9.98 24.27
CA LYS A 111 0.56 -10.07 22.85
C LYS A 111 -0.28 -11.31 22.55
N LEU A 112 -1.34 -11.13 21.75
CA LEU A 112 -2.22 -12.21 21.35
C LEU A 112 -2.00 -12.51 19.86
N SER A 113 -2.58 -13.61 19.40
CA SER A 113 -2.49 -14.00 18.01
C SER A 113 -3.88 -13.87 17.39
N SER A 114 -4.08 -12.83 16.59
CA SER A 114 -5.42 -12.55 16.09
C SER A 114 -5.83 -13.59 15.06
N PRO A 115 -7.10 -14.01 15.06
CA PRO A 115 -7.61 -14.86 13.99
C PRO A 115 -7.89 -14.12 12.69
N SER A 116 -7.57 -12.84 12.63
CA SER A 116 -7.79 -12.01 11.44
C SER A 116 -6.65 -11.00 11.33
N ALA A 117 -6.18 -10.79 10.11
CA ALA A 117 -5.16 -9.78 9.85
C ALA A 117 -5.75 -8.43 9.47
N ASP A 118 -7.07 -8.27 9.59
CA ASP A 118 -7.79 -7.09 9.14
C ASP A 118 -8.99 -6.92 10.09
N ILE A 119 -8.69 -6.52 11.34
CA ILE A 119 -9.69 -6.50 12.42
C ILE A 119 -10.58 -5.27 12.27
N VAL A 120 -11.90 -5.48 12.30
CA VAL A 120 -12.82 -4.36 12.18
C VAL A 120 -13.75 -4.23 13.37
N GLY A 121 -13.51 -4.98 14.45
CA GLY A 121 -14.25 -4.74 15.68
C GLY A 121 -13.89 -5.76 16.73
N VAL A 122 -14.13 -5.38 17.98
CA VAL A 122 -13.83 -6.21 19.15
C VAL A 122 -14.90 -5.93 20.19
N GLY A 123 -15.34 -6.97 20.88
CA GLY A 123 -16.34 -6.81 21.92
C GLY A 123 -16.07 -7.74 23.08
N THR A 124 -16.50 -7.32 24.26
CA THR A 124 -16.27 -8.11 25.47
C THR A 124 -17.60 -8.42 26.16
N ASP A 125 -17.65 -9.57 26.82
CA ASP A 125 -18.81 -10.01 27.57
C ASP A 125 -18.68 -9.49 28.99
N LYS A 126 -19.57 -8.58 29.37
CA LYS A 126 -19.46 -8.01 30.70
C LYS A 126 -19.83 -9.01 31.79
N ALA A 127 -20.61 -10.04 31.44
CA ALA A 127 -20.94 -11.11 32.40
C ALA A 127 -19.89 -12.20 32.46
N ARG A 128 -19.01 -12.32 31.46
CA ARG A 128 -17.94 -13.32 31.45
C ARG A 128 -16.67 -12.62 30.97
N ARG A 129 -15.76 -12.31 31.90
CA ARG A 129 -14.56 -11.55 31.57
C ARG A 129 -13.57 -12.29 30.70
N ASP A 130 -13.83 -13.57 30.39
CA ASP A 130 -12.99 -14.33 29.49
C ASP A 130 -13.58 -14.42 28.08
N HIS A 131 -14.84 -14.06 27.92
CA HIS A 131 -15.55 -14.16 26.65
C HIS A 131 -15.27 -12.89 25.86
N VAL A 132 -14.40 -12.97 24.86
CA VAL A 132 -14.09 -11.84 23.98
C VAL A 132 -14.39 -12.26 22.55
N ARG A 133 -14.81 -11.30 21.73
CA ARG A 133 -15.25 -11.57 20.37
C ARG A 133 -14.63 -10.56 19.42
N LEU A 134 -14.34 -11.01 18.20
CA LEU A 134 -13.59 -10.22 17.23
C LEU A 134 -14.19 -10.39 15.83
N ALA A 135 -14.16 -9.32 15.03
CA ALA A 135 -14.67 -9.39 13.67
C ALA A 135 -13.59 -9.06 12.65
N GLY A 136 -13.60 -9.80 11.53
CA GLY A 136 -12.70 -9.55 10.43
C GLY A 136 -13.40 -8.82 9.29
N SER A 137 -12.60 -8.22 8.40
CA SER A 137 -13.10 -7.37 7.33
C SER A 137 -13.89 -8.12 6.26
N ASP A 138 -13.87 -9.45 6.26
CA ASP A 138 -14.80 -10.20 5.43
C ASP A 138 -16.16 -10.35 6.08
N GLY A 139 -16.30 -9.93 7.34
CA GLY A 139 -17.55 -10.08 8.03
C GLY A 139 -17.65 -11.33 8.88
N GLN A 140 -16.54 -11.98 9.19
CA GLN A 140 -16.51 -13.16 10.03
C GLN A 140 -16.30 -12.78 11.48
N LEU A 141 -17.16 -13.27 12.37
CA LEU A 141 -16.94 -13.14 13.81
C LEU A 141 -16.12 -14.31 14.31
N TYR A 142 -15.24 -14.04 15.28
CA TYR A 142 -14.46 -15.06 15.96
C TYR A 142 -14.66 -14.94 17.46
N ASP A 143 -14.83 -16.09 18.12
CA ASP A 143 -15.18 -16.16 19.53
C ASP A 143 -14.05 -16.79 20.33
N SER A 144 -13.78 -16.24 21.52
CA SER A 144 -12.78 -16.81 22.40
C SER A 144 -13.32 -16.86 23.82
N THR A 145 -13.01 -17.95 24.52
CA THR A 145 -13.41 -18.11 25.91
C THR A 145 -12.22 -18.11 26.86
N ASP A 146 -11.03 -17.81 26.38
CA ASP A 146 -9.83 -17.89 27.19
C ASP A 146 -9.03 -16.58 27.13
N ALA A 147 -9.72 -15.44 27.25
CA ALA A 147 -9.09 -14.12 27.29
C ALA A 147 -8.27 -13.84 26.03
N GLY A 148 -8.72 -14.38 24.89
CA GLY A 148 -8.04 -14.16 23.63
C GLY A 148 -6.89 -15.09 23.34
N ALA A 149 -6.65 -16.08 24.20
CA ALA A 149 -5.55 -17.02 23.98
C ALA A 149 -5.68 -17.73 22.65
N THR A 150 -6.83 -18.38 22.43
CA THR A 150 -7.12 -19.08 21.19
C THR A 150 -8.52 -18.71 20.73
N TRP A 151 -8.80 -18.97 19.46
CA TRP A 151 -10.00 -18.48 18.81
C TRP A 151 -10.63 -19.55 17.94
N LYS A 152 -11.92 -19.38 17.67
CA LYS A 152 -12.63 -20.20 16.69
C LYS A 152 -13.67 -19.36 15.96
N PRO A 153 -13.89 -19.62 14.67
CA PRO A 153 -14.91 -18.86 13.92
C PRO A 153 -16.28 -19.06 14.54
N LEU A 154 -17.16 -18.09 14.30
CA LEU A 154 -18.48 -18.10 14.92
C LEU A 154 -19.51 -17.46 13.99
N GLY A 155 -20.59 -18.19 13.69
CA GLY A 155 -21.67 -17.68 12.87
C GLY A 155 -21.27 -17.56 11.40
N LYS A 156 -22.11 -16.89 10.63
CA LYS A 156 -21.89 -16.73 9.19
C LYS A 156 -21.46 -15.30 8.84
N LEU A 157 -21.00 -15.13 7.61
CA LEU A 157 -20.57 -13.80 7.15
C LEU A 157 -21.74 -12.83 7.17
N ALA A 158 -21.49 -11.64 7.73
CA ALA A 158 -22.55 -10.65 7.91
C ALA A 158 -23.26 -10.33 6.61
N PHE A 159 -22.53 -10.25 5.50
CA PHE A 159 -23.11 -9.90 4.20
C PHE A 159 -22.87 -10.99 3.16
N GLY A 160 -22.50 -12.20 3.57
CA GLY A 160 -22.17 -13.23 2.60
C GLY A 160 -20.77 -13.04 2.06
N PRO A 161 -20.33 -13.94 1.18
CA PRO A 161 -18.96 -13.87 0.67
C PRO A 161 -18.74 -12.67 -0.23
N GLY A 162 -17.46 -12.30 -0.36
CA GLY A 162 -17.04 -11.26 -1.26
C GLY A 162 -17.27 -9.84 -0.79
N ALA A 163 -17.62 -9.63 0.48
CA ALA A 163 -17.96 -8.31 0.98
C ALA A 163 -16.75 -7.61 1.56
N SER A 164 -16.78 -6.28 1.56
CA SER A 164 -15.78 -5.47 2.24
C SER A 164 -16.48 -4.79 3.41
N VAL A 165 -16.14 -5.22 4.62
CA VAL A 165 -16.84 -4.81 5.84
C VAL A 165 -15.99 -3.76 6.54
N TYR A 166 -16.58 -2.57 6.75
CA TYR A 166 -15.89 -1.47 7.40
C TYR A 166 -15.82 -1.63 8.92
N THR A 167 -16.87 -2.18 9.53
CA THR A 167 -16.98 -2.17 10.98
C THR A 167 -17.93 -3.27 11.41
N VAL A 168 -17.67 -3.80 12.60
CA VAL A 168 -18.69 -4.50 13.37
C VAL A 168 -18.66 -3.89 14.76
N SER A 169 -19.81 -3.40 15.21
CA SER A 169 -19.96 -2.78 16.51
C SER A 169 -20.79 -3.70 17.40
N PHE A 170 -20.25 -4.03 18.57
CA PHE A 170 -20.91 -4.91 19.52
C PHE A 170 -21.65 -4.10 20.57
N ASP A 171 -22.83 -4.57 20.94
CA ASP A 171 -23.61 -4.02 22.04
C ASP A 171 -22.84 -4.26 23.34
N PRO A 172 -22.46 -3.22 24.09
CA PRO A 172 -21.67 -3.46 25.31
C PRO A 172 -22.41 -4.28 26.36
N ALA A 173 -23.74 -4.30 26.32
CA ALA A 173 -24.51 -5.11 27.26
C ALA A 173 -24.72 -6.55 26.80
N ASP A 174 -24.33 -6.88 25.56
CA ASP A 174 -24.65 -8.20 24.99
C ASP A 174 -23.83 -8.47 23.73
N LEU A 175 -22.78 -9.29 23.86
CA LEU A 175 -21.94 -9.64 22.73
C LEU A 175 -22.70 -10.25 21.55
N ASP A 176 -23.87 -10.85 21.80
CA ASP A 176 -24.62 -11.48 20.71
C ASP A 176 -25.33 -10.47 19.83
N HIS A 177 -25.39 -9.22 20.24
CA HIS A 177 -26.02 -8.14 19.50
C HIS A 177 -24.91 -7.34 18.83
N ALA A 178 -24.88 -7.36 17.50
CA ALA A 178 -23.84 -6.68 16.75
C ALA A 178 -24.43 -6.05 15.52
N VAL A 179 -23.81 -4.95 15.09
CA VAL A 179 -24.19 -4.25 13.87
C VAL A 179 -22.97 -4.26 12.97
N ALA A 180 -23.15 -4.66 11.71
CA ALA A 180 -22.06 -4.64 10.74
C ALA A 180 -22.35 -3.61 9.65
N GLY A 181 -21.28 -3.04 9.10
CA GLY A 181 -21.39 -2.06 8.03
C GLY A 181 -20.42 -2.35 6.90
N GLY A 182 -20.87 -2.24 5.65
CA GLY A 182 -20.06 -2.68 4.53
C GLY A 182 -20.10 -1.71 3.37
N MET A 183 -19.29 -2.04 2.35
CA MET A 183 -19.16 -1.23 1.14
C MET A 183 -20.23 -1.64 0.13
N THR A 184 -21.17 -0.72 -0.15
CA THR A 184 -22.37 -0.86 -0.98
C THR A 184 -23.44 -1.73 -0.31
N THR A 185 -23.07 -2.49 0.71
CA THR A 185 -23.98 -3.44 1.36
C THR A 185 -24.73 -2.84 2.55
N GLY A 186 -24.49 -1.57 2.86
CA GLY A 186 -25.26 -0.95 3.92
C GLY A 186 -24.98 -1.58 5.28
N GLY A 187 -26.04 -1.77 6.05
CA GLY A 187 -25.92 -2.26 7.41
C GLY A 187 -26.57 -3.62 7.57
N ALA A 188 -26.07 -4.39 8.54
CA ALA A 188 -26.74 -5.62 8.97
C ALA A 188 -26.78 -5.64 10.48
N VAL A 189 -27.63 -6.49 11.03
CA VAL A 189 -27.72 -6.64 12.48
C VAL A 189 -27.94 -8.11 12.80
N THR A 190 -27.29 -8.57 13.86
CA THR A 190 -27.53 -9.89 14.42
C THR A 190 -27.90 -9.73 15.90
N THR A 191 -28.90 -10.50 16.33
CA THR A 191 -29.18 -10.64 17.75
C THR A 191 -28.77 -12.01 18.29
N ASP A 192 -28.07 -12.82 17.49
CA ASP A 192 -27.71 -14.17 17.94
C ASP A 192 -26.25 -14.50 17.66
N GLY A 193 -25.36 -13.53 17.79
CA GLY A 193 -23.94 -13.82 17.73
C GLY A 193 -23.44 -14.21 16.36
N GLY A 194 -24.12 -13.74 15.31
CA GLY A 194 -23.69 -14.01 13.96
C GLY A 194 -24.31 -15.22 13.31
N ALA A 195 -25.26 -15.88 13.98
CA ALA A 195 -25.89 -17.06 13.40
C ALA A 195 -26.85 -16.67 12.28
N THR A 196 -27.65 -15.64 12.48
CA THR A 196 -28.43 -15.04 11.40
C THR A 196 -28.18 -13.54 11.38
N TRP A 197 -28.10 -12.99 10.18
CA TRP A 197 -27.99 -11.56 9.99
C TRP A 197 -29.19 -11.07 9.21
N THR A 198 -29.71 -9.92 9.61
CA THR A 198 -30.80 -9.24 8.93
C THR A 198 -30.26 -7.97 8.31
N ALA A 199 -30.61 -7.72 7.06
CA ALA A 199 -30.14 -6.53 6.36
C ALA A 199 -30.91 -5.32 6.84
N ALA A 200 -30.21 -4.23 7.15
CA ALA A 200 -30.89 -3.04 7.61
C ALA A 200 -31.45 -2.25 6.46
N THR A 201 -32.44 -1.42 6.76
CA THR A 201 -33.00 -0.48 5.82
C THR A 201 -32.92 0.93 6.38
N GLY A 202 -33.09 1.90 5.50
CA GLY A 202 -33.16 3.29 5.88
C GLY A 202 -31.90 4.09 5.71
N LEU A 203 -30.77 3.45 5.34
CA LEU A 203 -29.55 4.20 5.11
C LEU A 203 -29.62 4.93 3.76
N SER A 204 -30.38 4.41 2.82
CA SER A 204 -30.69 5.11 1.59
C SER A 204 -32.14 5.56 1.64
N ALA A 205 -32.39 6.78 1.18
CA ALA A 205 -33.75 7.29 1.11
C ALA A 205 -34.55 6.66 -0.02
N THR A 206 -33.90 5.86 -0.86
CA THR A 206 -34.54 5.17 -1.96
C THR A 206 -34.66 3.70 -1.59
N ALA A 207 -35.85 3.14 -1.77
CA ALA A 207 -36.08 1.75 -1.37
C ALA A 207 -35.14 0.80 -2.11
N GLY A 208 -34.42 -0.01 -1.34
CA GLY A 208 -33.45 -0.92 -1.93
C GLY A 208 -32.18 -0.26 -2.43
N GLY A 209 -32.00 1.04 -2.18
CA GLY A 209 -30.79 1.69 -2.63
C GLY A 209 -29.56 1.23 -1.86
N LYS A 210 -28.43 1.20 -2.56
CA LYS A 210 -27.16 0.84 -1.97
C LYS A 210 -26.70 1.92 -0.99
N SER A 211 -25.80 1.54 -0.09
CA SER A 211 -25.27 2.46 0.90
C SER A 211 -23.99 1.90 1.49
N ASN A 212 -23.22 2.78 2.13
CA ASN A 212 -22.07 2.40 2.95
C ASN A 212 -22.41 2.66 4.41
N LEU A 213 -21.97 1.77 5.29
CA LEU A 213 -22.02 2.04 6.72
C LEU A 213 -20.60 1.94 7.22
N PHE A 214 -20.01 3.10 7.55
CA PHE A 214 -18.61 3.15 7.96
C PHE A 214 -18.42 2.87 9.43
N ALA A 215 -19.34 3.30 10.29
CA ALA A 215 -19.15 3.23 11.71
C ALA A 215 -20.50 3.16 12.39
N ALA A 216 -20.58 2.39 13.47
CA ALA A 216 -21.80 2.32 14.24
C ALA A 216 -21.42 2.17 15.71
N SER A 217 -22.33 2.59 16.57
CA SER A 217 -22.08 2.56 18.01
C SER A 217 -23.41 2.33 18.71
N VAL A 218 -23.51 1.22 19.44
CA VAL A 218 -24.72 0.91 20.19
C VAL A 218 -24.70 1.69 21.50
N SER A 219 -25.80 2.36 21.80
CA SER A 219 -25.88 3.18 23.00
C SER A 219 -25.58 2.33 24.23
N PRO A 220 -24.60 2.70 25.06
CA PRO A 220 -24.39 1.95 26.31
C PRO A 220 -25.57 2.04 27.24
N ALA A 221 -26.52 2.93 26.97
CA ALA A 221 -27.66 3.19 27.82
C ALA A 221 -28.97 2.61 27.29
N ASP A 222 -28.95 1.96 26.12
CA ASP A 222 -30.16 1.38 25.57
C ASP A 222 -29.81 0.52 24.36
N ARG A 223 -29.97 -0.80 24.48
CA ARG A 223 -29.61 -1.72 23.42
C ARG A 223 -30.38 -1.47 22.14
N ASN A 224 -31.52 -0.78 22.23
CA ASN A 224 -32.34 -0.47 21.06
C ASN A 224 -31.81 0.71 20.26
N VAL A 225 -30.93 1.53 20.82
CA VAL A 225 -30.48 2.74 20.16
C VAL A 225 -29.11 2.50 19.56
N VAL A 226 -28.99 2.76 18.25
CA VAL A 226 -27.74 2.61 17.53
C VAL A 226 -27.51 3.86 16.70
N TYR A 227 -26.32 4.45 16.83
CA TYR A 227 -25.93 5.58 16.00
C TYR A 227 -24.97 5.08 14.93
N ALA A 228 -25.06 5.69 13.75
CA ALA A 228 -24.27 5.19 12.64
C ALA A 228 -23.87 6.34 11.73
N LEU A 229 -22.76 6.13 11.04
CA LEU A 229 -22.18 7.02 10.04
C LEU A 229 -22.18 6.28 8.71
N GLY A 230 -22.74 6.89 7.67
CA GLY A 230 -22.83 6.19 6.40
C GLY A 230 -23.15 7.10 5.24
N ILE A 231 -23.30 6.50 4.06
CA ILE A 231 -23.52 7.25 2.83
C ILE A 231 -24.67 6.62 2.06
N ASP A 232 -25.62 7.44 1.62
CA ASP A 232 -26.69 7.03 0.71
C ASP A 232 -26.13 7.05 -0.70
N LEU A 233 -25.81 5.87 -1.24
CA LEU A 233 -25.14 5.87 -2.54
C LEU A 233 -26.07 6.22 -3.69
N VAL A 234 -27.39 6.17 -3.50
CA VAL A 234 -28.30 6.69 -4.52
C VAL A 234 -28.25 8.21 -4.53
N GLU A 235 -28.35 8.82 -3.36
CA GLU A 235 -28.17 10.26 -3.25
C GLU A 235 -26.82 10.68 -3.83
N ALA A 236 -25.77 9.89 -3.56
CA ALA A 236 -24.43 10.20 -4.06
C ALA A 236 -24.15 9.52 -5.39
N ALA A 237 -25.15 9.45 -6.27
CA ALA A 237 -24.95 8.94 -7.61
C ALA A 237 -23.92 9.79 -8.36
N PRO A 238 -23.23 9.20 -9.34
CA PRO A 238 -22.26 9.98 -10.11
C PRO A 238 -22.95 11.20 -10.72
N ASN A 239 -22.22 12.31 -10.71
CA ASN A 239 -22.67 13.58 -11.26
C ASN A 239 -23.77 14.25 -10.43
N SER A 240 -24.12 13.71 -9.26
CA SER A 240 -25.20 14.32 -8.47
C SER A 240 -24.78 15.62 -7.82
N GLY A 241 -23.51 15.77 -7.46
CA GLY A 241 -23.06 16.91 -6.69
C GLY A 241 -23.18 16.73 -5.19
N ALA A 242 -23.59 15.55 -4.72
CA ALA A 242 -23.77 15.25 -3.31
C ALA A 242 -22.93 14.04 -2.94
N GLU A 243 -22.28 14.10 -1.78
CA GLU A 243 -21.56 12.92 -1.29
C GLU A 243 -22.44 12.00 -0.45
N GLY A 244 -23.65 12.43 -0.12
CA GLY A 244 -24.65 11.56 0.47
C GLY A 244 -24.37 11.11 1.88
N ARG A 245 -23.55 11.85 2.63
CA ARG A 245 -23.08 11.43 3.95
C ARG A 245 -24.01 11.91 5.06
N HIS A 246 -24.33 11.03 6.00
CA HIS A 246 -25.21 11.39 7.11
C HIS A 246 -24.80 10.66 8.37
N LEU A 247 -25.27 11.18 9.49
CA LEU A 247 -25.38 10.37 10.70
C LEU A 247 -26.81 9.85 10.77
N TYR A 248 -26.92 8.64 11.31
CA TYR A 248 -28.18 7.92 11.36
C TYR A 248 -28.46 7.47 12.78
N ARG A 249 -29.75 7.23 13.06
CA ARG A 249 -30.16 6.72 14.36
C ARG A 249 -31.19 5.61 14.15
N SER A 250 -31.01 4.50 14.86
CA SER A 250 -31.96 3.40 14.91
C SER A 250 -32.55 3.32 16.31
N THR A 251 -33.84 3.02 16.39
CA THR A 251 -34.45 2.74 17.68
C THR A 251 -34.91 1.30 17.81
N ASP A 252 -34.62 0.44 16.82
CA ASP A 252 -34.95 -0.97 16.90
C ASP A 252 -33.69 -1.84 16.89
N GLY A 253 -32.59 -1.35 17.44
CA GLY A 253 -31.41 -2.16 17.61
C GLY A 253 -30.58 -2.36 16.36
N GLY A 254 -30.89 -1.64 15.29
CA GLY A 254 -30.07 -1.73 14.10
C GLY A 254 -30.80 -2.31 12.90
N ARG A 255 -32.11 -2.51 13.00
CA ARG A 255 -32.88 -3.03 11.88
C ARG A 255 -33.24 -1.94 10.86
N THR A 256 -33.58 -0.75 11.34
CA THR A 256 -33.96 0.36 10.48
C THR A 256 -33.34 1.65 11.00
N TYR A 257 -32.92 2.50 10.09
CA TYR A 257 -32.25 3.75 10.42
C TYR A 257 -33.03 4.92 9.87
N THR A 258 -32.89 6.06 10.55
CA THR A 258 -33.40 7.35 10.11
C THR A 258 -32.24 8.33 10.07
N ARG A 259 -32.23 9.25 9.09
CA ARG A 259 -31.22 10.31 9.06
C ARG A 259 -31.41 11.27 10.22
N ILE A 260 -30.32 11.64 10.91
CA ILE A 260 -30.44 12.62 11.99
C ILE A 260 -29.52 13.82 11.78
N VAL A 261 -28.40 13.62 11.07
CA VAL A 261 -27.45 14.73 10.81
C VAL A 261 -27.01 14.68 9.36
N ASP A 262 -27.00 15.82 8.70
CA ASP A 262 -26.48 15.93 7.34
C ASP A 262 -25.09 16.56 7.34
N ASP A 263 -24.31 16.20 6.32
CA ASP A 263 -22.96 16.71 6.11
C ASP A 263 -23.06 18.12 5.54
N THR A 264 -22.81 19.14 6.39
CA THR A 264 -22.89 20.55 5.99
C THR A 264 -21.75 21.32 6.64
N PRO A 265 -21.52 22.60 6.28
CA PRO A 265 -20.52 23.37 7.04
C PRO A 265 -20.84 23.51 8.52
N ASP A 266 -22.11 23.46 8.90
CA ASP A 266 -22.48 23.55 10.31
C ASP A 266 -22.20 22.24 11.05
N THR A 267 -22.34 21.10 10.37
CA THR A 267 -22.09 19.77 10.94
C THR A 267 -21.29 18.99 9.90
N GLU A 268 -19.96 19.08 9.97
CA GLU A 268 -19.11 18.48 8.95
C GLU A 268 -18.85 17.02 9.24
N LEU A 269 -19.10 16.16 8.25
CA LEU A 269 -18.91 14.72 8.39
C LEU A 269 -17.89 14.21 7.40
N THR A 270 -17.16 13.15 7.79
CA THR A 270 -16.22 12.45 6.92
C THR A 270 -16.50 10.95 7.02
N ASN A 271 -15.78 10.16 6.24
CA ASN A 271 -15.97 8.71 6.35
C ASN A 271 -15.38 8.13 7.61
N SER A 272 -14.80 8.94 8.51
CA SER A 272 -14.23 8.44 9.75
C SER A 272 -14.63 9.29 10.95
N THR A 273 -15.72 10.04 10.82
CA THR A 273 -16.24 10.81 11.95
C THR A 273 -16.36 9.93 13.19
N LEU A 274 -15.75 10.38 14.30
CA LEU A 274 -15.81 9.64 15.56
C LEU A 274 -17.21 9.70 16.15
N LEU A 275 -17.74 8.55 16.57
CA LEU A 275 -19.03 8.49 17.24
C LEU A 275 -18.82 8.15 18.71
N ALA A 276 -19.46 8.92 19.59
CA ALA A 276 -19.35 8.73 21.05
C ALA A 276 -20.71 8.90 21.69
N PRO A 277 -21.52 7.84 21.73
CA PRO A 277 -22.82 7.94 22.39
C PRO A 277 -22.67 8.17 23.88
N SER A 278 -23.60 8.94 24.44
CA SER A 278 -23.62 9.12 25.88
C SER A 278 -23.83 7.78 26.56
N PRO A 279 -23.07 7.46 27.61
CA PRO A 279 -23.25 6.17 28.30
C PRO A 279 -24.46 6.17 29.23
N VAL A 280 -25.09 7.31 29.45
CA VAL A 280 -26.22 7.38 30.38
C VAL A 280 -27.48 7.95 29.74
N ASP A 281 -27.39 8.60 28.58
CA ASP A 281 -28.56 9.18 27.93
C ASP A 281 -28.64 8.61 26.52
N PRO A 282 -29.59 7.72 26.23
CA PRO A 282 -29.69 7.17 24.86
C PRO A 282 -30.05 8.21 23.82
N ASN A 283 -30.52 9.39 24.22
CA ASN A 283 -30.83 10.43 23.26
C ASN A 283 -29.61 11.21 22.76
N VAL A 284 -28.44 11.04 23.37
CA VAL A 284 -27.34 11.98 23.13
C VAL A 284 -26.17 11.27 22.47
N LEU A 285 -25.67 11.88 21.40
CA LEU A 285 -24.50 11.41 20.67
C LEU A 285 -23.51 12.56 20.56
N TYR A 286 -22.27 12.31 20.94
CA TYR A 286 -21.18 13.24 20.64
C TYR A 286 -20.49 12.79 19.37
N PHE A 287 -20.05 13.75 18.55
CA PHE A 287 -19.20 13.43 17.43
C PHE A 287 -18.28 14.62 17.19
N GLU A 288 -17.33 14.47 16.25
N GLU A 288 -17.34 14.48 16.24
CA GLU A 288 -16.29 15.47 16.07
CA GLU A 288 -16.24 15.42 16.10
C GLU A 288 -16.08 15.76 14.60
C GLU A 288 -15.94 15.70 14.63
N TYR A 289 -15.50 16.93 14.35
CA TYR A 289 -14.83 17.25 13.10
C TYR A 289 -13.61 18.05 13.47
N GLY A 290 -12.46 17.70 12.92
CA GLY A 290 -11.27 18.50 13.14
C GLY A 290 -10.36 18.38 11.94
N THR A 291 -9.58 19.43 11.70
CA THR A 291 -8.58 19.35 10.65
C THR A 291 -7.45 20.31 10.97
N TYR A 292 -6.23 19.92 10.56
CA TYR A 292 -5.10 20.84 10.58
C TYR A 292 -5.32 21.98 9.59
N PHE A 293 -6.13 21.75 8.56
CA PHE A 293 -6.17 22.63 7.38
C PHE A 293 -6.57 24.04 7.77
N GLN A 294 -5.72 25.01 7.41
CA GLN A 294 -5.94 26.42 7.72
C GLN A 294 -6.12 26.67 9.21
N ALA A 295 -5.54 25.79 10.02
CA ALA A 295 -5.60 25.90 11.47
C ALA A 295 -7.04 25.98 11.98
N TYR A 296 -7.94 25.24 11.31
CA TYR A 296 -9.36 25.30 11.67
C TYR A 296 -9.57 24.85 13.11
N GLY A 297 -8.91 23.78 13.53
CA GLY A 297 -9.13 23.27 14.88
C GLY A 297 -10.18 22.17 14.90
N THR A 298 -10.90 22.04 16.01
CA THR A 298 -11.77 20.90 16.24
C THR A 298 -13.11 21.34 16.79
N ASP A 299 -14.18 20.86 16.17
CA ASP A 299 -15.53 21.03 16.70
C ASP A 299 -15.91 19.74 17.43
N LEU A 300 -16.43 19.87 18.65
CA LEU A 300 -17.03 18.76 19.38
C LEU A 300 -18.54 18.96 19.35
N TYR A 301 -19.22 18.11 18.59
CA TYR A 301 -20.66 18.24 18.38
C TYR A 301 -21.43 17.41 19.40
N ARG A 302 -22.64 17.88 19.74
CA ARG A 302 -23.52 17.12 20.63
C ARG A 302 -24.92 17.14 20.05
N TYR A 303 -25.42 15.97 19.66
CA TYR A 303 -26.77 15.79 19.15
C TYR A 303 -27.67 15.29 20.29
N ASP A 304 -28.90 15.83 20.34
CA ASP A 304 -29.89 15.46 21.35
C ASP A 304 -31.16 15.06 20.60
N ALA A 305 -31.54 13.79 20.72
CA ALA A 305 -32.69 13.28 19.99
C ALA A 305 -34.00 13.86 20.49
N ARG A 306 -34.04 14.34 21.74
CA ARG A 306 -35.24 14.97 22.24
C ARG A 306 -35.67 16.12 21.33
N THR A 307 -34.71 16.90 20.81
CA THR A 307 -35.01 17.99 19.90
C THR A 307 -34.47 17.81 18.49
N GLY A 308 -33.52 16.91 18.25
CA GLY A 308 -32.96 16.75 16.93
C GLY A 308 -31.96 17.82 16.51
N LYS A 309 -31.58 18.74 17.39
CA LYS A 309 -30.61 19.76 17.08
C LYS A 309 -29.20 19.33 17.54
N VAL A 310 -28.20 19.99 16.98
CA VAL A 310 -26.80 19.71 17.27
C VAL A 310 -26.17 20.99 17.79
N GLY A 311 -25.55 20.92 18.97
CA GLY A 311 -24.75 22.01 19.46
C GLY A 311 -23.28 21.68 19.25
N LYS A 312 -22.42 22.68 19.49
CA LYS A 312 -21.01 22.40 19.35
C LYS A 312 -20.17 23.30 20.25
N THR A 313 -18.99 22.81 20.58
CA THR A 313 -17.91 23.62 21.12
C THR A 313 -16.70 23.46 20.21
N HIS A 314 -15.73 24.35 20.40
CA HIS A 314 -14.57 24.43 19.53
C HIS A 314 -13.30 24.54 20.37
N ASN A 315 -12.26 23.84 19.93
CA ASN A 315 -10.93 23.95 20.53
C ASN A 315 -9.92 24.04 19.40
N ALA A 316 -8.66 24.33 19.75
CA ALA A 316 -7.66 24.62 18.73
C ALA A 316 -6.88 23.38 18.29
N HIS A 317 -7.14 22.20 18.88
CA HIS A 317 -6.37 21.02 18.50
C HIS A 317 -6.73 20.56 17.09
N ASP A 318 -5.80 19.83 16.48
CA ASP A 318 -6.03 19.31 15.14
C ASP A 318 -7.20 18.33 15.10
N GLY A 319 -7.48 17.65 16.20
CA GLY A 319 -8.56 16.68 16.19
C GLY A 319 -8.67 16.00 17.54
N ILE A 320 -9.83 15.38 17.74
CA ILE A 320 -10.11 14.50 18.87
C ILE A 320 -10.21 13.11 18.30
N SER A 321 -9.29 12.22 18.70
CA SER A 321 -9.25 10.88 18.13
C SER A 321 -10.01 9.85 18.99
N ALA A 322 -10.36 10.17 20.23
CA ALA A 322 -11.05 9.20 21.07
C ALA A 322 -11.75 9.96 22.19
N ILE A 323 -12.83 9.36 22.70
CA ILE A 323 -13.62 9.95 23.79
C ILE A 323 -13.99 8.86 24.78
N ALA A 324 -13.85 9.17 26.08
CA ALA A 324 -14.38 8.30 27.14
C ALA A 324 -15.06 9.18 28.19
N PHE A 325 -15.91 8.54 28.99
CA PHE A 325 -16.73 9.24 29.98
C PHE A 325 -16.40 8.76 31.38
N ASN A 326 -16.36 9.69 32.32
CA ASN A 326 -16.19 9.31 33.72
C ASN A 326 -17.46 8.59 34.19
N PRO A 327 -17.36 7.34 34.66
CA PRO A 327 -18.58 6.62 35.04
C PRO A 327 -19.29 7.20 36.25
N ALA A 328 -18.56 7.84 37.18
CA ALA A 328 -19.19 8.44 38.35
C ALA A 328 -19.81 9.80 38.04
N ARG A 329 -19.26 10.52 37.07
CA ARG A 329 -19.76 11.85 36.69
C ARG A 329 -19.62 11.97 35.19
N PRO A 330 -20.60 11.45 34.44
CA PRO A 330 -20.44 11.38 32.98
C PRO A 330 -20.46 12.72 32.29
N SER A 331 -20.73 13.81 32.99
CA SER A 331 -20.49 15.11 32.39
C SER A 331 -19.01 15.42 32.24
N VAL A 332 -18.15 14.63 32.87
CA VAL A 332 -16.70 14.74 32.68
C VAL A 332 -16.33 13.81 31.54
N MET A 333 -15.79 14.39 30.46
CA MET A 333 -15.44 13.64 29.27
C MET A 333 -13.93 13.68 29.09
N TYR A 334 -13.33 12.52 28.85
CA TYR A 334 -11.92 12.42 28.53
C TYR A 334 -11.75 12.45 27.02
N LEU A 335 -10.80 13.26 26.56
CA LEU A 335 -10.55 13.43 25.13
C LEU A 335 -9.11 13.04 24.80
N GLY A 336 -8.95 12.11 23.86
CA GLY A 336 -7.64 11.80 23.32
C GLY A 336 -7.44 12.62 22.06
N LEU A 337 -6.27 13.25 21.96
CA LEU A 337 -6.07 14.31 20.99
C LEU A 337 -5.11 13.90 19.88
N GLU A 338 -5.22 14.61 18.76
CA GLU A 338 -4.33 14.46 17.62
C GLU A 338 -3.59 15.76 17.35
N GLU A 339 -2.33 15.63 16.91
CA GLU A 339 -1.55 16.74 16.40
C GLU A 339 -0.84 16.24 15.16
N VAL A 340 -1.12 16.81 13.98
CA VAL A 340 -0.70 16.20 12.72
C VAL A 340 -0.01 17.19 11.79
N GLN A 341 0.02 18.47 12.15
CA GLN A 341 0.61 19.47 11.26
C GLN A 341 2.09 19.18 11.03
N ILE A 342 2.56 19.41 9.81
CA ILE A 342 3.96 19.21 9.46
C ILE A 342 4.78 20.45 9.80
N SER B 1 29.67 -32.74 -21.41
CA SER B 1 29.37 -31.86 -22.54
C SER B 1 29.05 -30.44 -22.05
N GLY B 2 29.39 -29.45 -22.86
CA GLY B 2 29.14 -28.06 -22.52
C GLY B 2 27.81 -27.57 -23.02
N TRP B 3 27.63 -26.25 -22.92
CA TRP B 3 26.39 -25.64 -23.39
C TRP B 3 26.19 -25.94 -24.87
N ARG B 4 24.93 -26.16 -25.25
CA ARG B 4 24.54 -26.35 -26.63
C ARG B 4 23.25 -25.57 -26.88
N ALA B 5 22.94 -25.34 -28.16
CA ALA B 5 21.62 -24.86 -28.52
C ALA B 5 20.56 -25.90 -28.17
N PRO B 6 19.31 -25.50 -27.97
CA PRO B 6 18.26 -26.45 -27.62
C PRO B 6 18.16 -27.57 -28.65
N SER B 7 18.06 -28.81 -28.18
CA SER B 7 17.97 -29.96 -29.09
C SER B 7 16.52 -30.33 -29.42
N CYS B 8 15.64 -29.33 -29.42
CA CYS B 8 14.21 -29.56 -29.57
C CYS B 8 13.64 -28.42 -30.39
N THR B 9 12.47 -28.67 -30.97
CA THR B 9 11.72 -27.65 -31.66
C THR B 9 10.49 -27.19 -30.88
N LYS B 10 10.10 -27.92 -29.85
CA LYS B 10 8.98 -27.58 -28.98
C LYS B 10 9.45 -27.70 -27.53
N VAL B 11 8.95 -26.81 -26.68
CA VAL B 11 9.36 -26.75 -25.28
C VAL B 11 8.34 -27.49 -24.43
N THR B 12 8.82 -28.37 -23.56
CA THR B 12 7.97 -29.04 -22.58
C THR B 12 7.96 -28.20 -21.31
N GLY B 13 6.83 -27.55 -21.03
CA GLY B 13 6.73 -26.74 -19.83
C GLY B 13 5.39 -26.03 -19.82
N ASP B 14 5.17 -25.26 -18.75
CA ASP B 14 3.83 -24.69 -18.55
C ASP B 14 3.54 -23.48 -19.42
N GLY B 15 4.47 -23.10 -20.31
CA GLY B 15 4.25 -21.98 -21.19
C GLY B 15 4.86 -20.68 -20.73
N ALA B 16 5.46 -20.63 -19.54
CA ALA B 16 6.05 -19.39 -19.07
C ALA B 16 7.34 -19.04 -19.82
N VAL B 17 8.07 -20.03 -20.31
CA VAL B 17 9.35 -19.76 -20.95
C VAL B 17 9.38 -20.47 -22.29
N THR B 18 9.74 -19.74 -23.34
CA THR B 18 10.01 -20.35 -24.64
C THR B 18 11.32 -19.79 -25.17
N PHE B 19 11.67 -20.10 -26.41
CA PHE B 19 12.88 -19.54 -26.98
C PHE B 19 12.65 -19.20 -28.45
N THR B 20 13.49 -18.31 -28.95
CA THR B 20 13.45 -17.93 -30.35
C THR B 20 14.87 -18.00 -30.88
N THR B 21 14.99 -18.31 -32.16
CA THR B 21 16.30 -18.29 -32.81
C THR B 21 16.39 -17.23 -33.89
N ASP B 22 15.36 -16.40 -34.05
CA ASP B 22 15.30 -15.43 -35.14
C ASP B 22 14.80 -14.09 -34.62
N ASP B 23 15.30 -13.70 -33.44
CA ASP B 23 15.01 -12.41 -32.85
C ASP B 23 13.50 -12.18 -32.65
N GLY B 24 12.77 -13.26 -32.36
CA GLY B 24 11.37 -13.17 -32.02
C GLY B 24 10.42 -13.31 -33.19
N ALA B 25 10.93 -13.48 -34.41
CA ALA B 25 10.05 -13.69 -35.55
C ALA B 25 9.20 -14.95 -35.37
N THR B 26 9.78 -16.01 -34.82
CA THR B 26 9.04 -17.20 -34.44
C THR B 26 9.46 -17.62 -33.04
N LEU B 27 8.48 -18.10 -32.28
CA LEU B 27 8.71 -18.60 -30.92
C LEU B 27 8.44 -20.10 -30.89
N ALA B 28 9.25 -20.84 -30.13
CA ALA B 28 9.02 -22.27 -30.02
C ALA B 28 7.66 -22.53 -29.38
N PRO B 29 6.86 -23.44 -29.91
CA PRO B 29 5.64 -23.82 -29.18
C PRO B 29 5.96 -24.51 -27.86
N THR B 30 5.05 -24.36 -26.91
CA THR B 30 5.18 -24.98 -25.59
C THR B 30 4.05 -25.98 -25.41
N THR B 31 4.34 -27.09 -24.73
CA THR B 31 3.27 -28.05 -24.44
C THR B 31 2.18 -27.40 -23.63
N GLY B 32 2.56 -26.64 -22.60
CA GLY B 32 1.59 -25.99 -21.77
C GLY B 32 1.13 -24.65 -22.31
N THR B 33 -0.06 -24.24 -21.90
CA THR B 33 -0.63 -22.95 -22.26
C THR B 33 -0.56 -22.03 -21.04
N LEU B 34 0.02 -20.84 -21.23
CA LEU B 34 0.20 -19.90 -20.13
C LEU B 34 -1.14 -19.39 -19.62
N GLN B 35 -1.37 -19.49 -18.30
CA GLN B 35 -2.61 -19.06 -17.67
C GLN B 35 -2.46 -17.68 -17.04
N SER B 36 -3.57 -16.93 -17.01
CA SER B 36 -3.64 -15.67 -16.28
C SER B 36 -3.90 -15.92 -14.80
N VAL B 37 -3.43 -15.02 -13.94
CA VAL B 37 -2.48 -13.93 -14.23
C VAL B 37 -1.07 -14.45 -13.98
N SER B 38 -0.19 -14.34 -14.97
CA SER B 38 1.16 -14.89 -14.90
C SER B 38 2.19 -13.86 -15.35
N TYR B 39 3.28 -13.75 -14.60
CA TYR B 39 4.48 -13.06 -15.03
C TYR B 39 5.65 -14.00 -14.85
N THR B 40 6.69 -13.80 -15.65
CA THR B 40 7.93 -14.56 -15.52
C THR B 40 9.09 -13.56 -15.39
N HIS B 41 9.14 -12.85 -14.26
CA HIS B 41 10.19 -11.83 -14.12
C HIS B 41 11.57 -12.44 -13.91
N GLY B 42 11.65 -13.68 -13.44
CA GLY B 42 12.91 -14.33 -13.18
C GLY B 42 13.27 -15.27 -14.31
N LEU B 43 14.46 -15.07 -14.90
CA LEU B 43 14.94 -15.93 -15.98
C LEU B 43 16.43 -15.70 -16.20
N VAL B 44 17.25 -16.70 -15.94
CA VAL B 44 18.70 -16.57 -16.12
C VAL B 44 19.26 -17.88 -16.68
N ALA B 45 20.23 -17.76 -17.58
CA ALA B 45 21.08 -18.88 -17.95
C ALA B 45 22.26 -18.94 -16.99
N LEU B 46 22.55 -20.12 -16.47
CA LEU B 46 23.65 -20.30 -15.54
C LEU B 46 24.92 -20.77 -16.25
N ASP B 47 26.04 -20.68 -15.53
CA ASP B 47 27.31 -21.18 -16.06
C ASP B 47 27.27 -22.70 -16.18
N THR B 48 26.58 -23.39 -15.26
CA THR B 48 26.41 -24.83 -15.33
C THR B 48 25.85 -25.23 -16.69
N PRO B 49 26.52 -26.13 -17.42
CA PRO B 49 26.08 -26.45 -18.79
C PRO B 49 24.58 -26.68 -18.93
N ASN B 50 23.98 -25.98 -19.90
CA ASN B 50 22.59 -26.19 -20.34
C ASN B 50 21.56 -25.96 -19.24
N THR B 51 21.91 -25.20 -18.21
CA THR B 51 21.04 -25.02 -17.05
C THR B 51 20.50 -23.59 -17.00
N LEU B 52 19.18 -23.48 -16.80
CA LEU B 52 18.51 -22.20 -16.61
C LEU B 52 17.56 -22.29 -15.44
N LEU B 53 17.31 -21.14 -14.81
CA LEU B 53 16.30 -21.00 -13.78
C LEU B 53 15.30 -19.94 -14.19
N ALA B 54 14.05 -20.12 -13.80
CA ALA B 54 13.03 -19.11 -14.01
C ALA B 54 12.09 -19.08 -12.81
N THR B 55 11.43 -17.94 -12.63
CA THR B 55 10.33 -17.84 -11.67
C THR B 55 9.08 -17.41 -12.41
N HIS B 56 8.09 -18.30 -12.43
CA HIS B 56 6.76 -18.06 -12.97
C HIS B 56 5.84 -17.84 -11.78
N ASN B 57 5.46 -16.58 -11.54
CA ASN B 57 4.79 -16.17 -10.29
C ASN B 57 5.65 -16.72 -9.15
N ASP B 58 5.09 -17.50 -8.21
CA ASP B 58 5.84 -18.00 -7.07
C ASP B 58 6.52 -19.34 -7.35
N GLU B 59 6.52 -19.82 -8.60
CA GLU B 59 7.05 -21.12 -8.97
C GLU B 59 8.49 -20.99 -9.45
N LEU B 60 9.44 -21.55 -8.70
CA LEU B 60 10.81 -21.67 -9.20
C LEU B 60 10.90 -22.89 -10.10
N GLN B 61 11.41 -22.67 -11.32
CA GLN B 61 11.54 -23.70 -12.32
C GLN B 61 12.99 -23.82 -12.76
N ARG B 62 13.40 -25.04 -13.11
CA ARG B 62 14.73 -25.29 -13.64
C ARG B 62 14.65 -26.05 -14.94
N SER B 63 15.57 -25.74 -15.86
CA SER B 63 15.82 -26.56 -17.03
C SER B 63 17.28 -27.01 -17.01
N THR B 64 17.52 -28.29 -17.28
CA THR B 64 18.90 -28.78 -17.39
C THR B 64 19.21 -29.27 -18.80
N ASP B 65 18.36 -28.96 -19.78
CA ASP B 65 18.59 -29.35 -21.17
C ASP B 65 18.44 -28.15 -22.09
N ALA B 66 18.99 -27.01 -21.67
CA ALA B 66 19.07 -25.80 -22.49
C ALA B 66 17.68 -25.29 -22.87
N GLY B 67 16.71 -25.51 -22.00
CA GLY B 67 15.39 -24.92 -22.19
C GLY B 67 14.41 -25.78 -22.95
N CYS B 68 14.77 -27.03 -23.24
CA CYS B 68 13.81 -27.93 -23.87
C CYS B 68 12.74 -28.41 -22.88
N THR B 69 13.10 -28.54 -21.62
CA THR B 69 12.19 -29.03 -20.59
C THR B 69 12.30 -28.14 -19.36
N TRP B 70 11.16 -27.64 -18.89
CA TRP B 70 11.09 -26.79 -17.70
C TRP B 70 10.27 -27.50 -16.63
N THR B 71 10.85 -27.64 -15.44
CA THR B 71 10.20 -28.39 -14.37
C THR B 71 10.12 -27.52 -13.11
N LYS B 72 8.95 -27.48 -12.47
CA LYS B 72 8.83 -26.84 -11.16
C LYS B 72 9.70 -27.56 -10.13
N VAL B 73 10.50 -26.80 -9.39
CA VAL B 73 11.37 -27.38 -8.36
C VAL B 73 11.15 -26.78 -6.98
N ALA B 74 10.42 -25.68 -6.85
CA ALA B 74 10.13 -25.13 -5.52
C ALA B 74 9.07 -24.06 -5.64
N THR B 75 8.45 -23.75 -4.50
CA THR B 75 7.54 -22.61 -4.38
C THR B 75 8.20 -21.56 -3.51
N LEU B 76 8.35 -20.34 -4.04
CA LEU B 76 9.04 -19.30 -3.31
C LEU B 76 8.06 -18.50 -2.47
N GLY B 77 8.59 -17.78 -1.48
CA GLY B 77 7.76 -17.01 -0.57
C GLY B 77 7.23 -15.71 -1.13
N SER B 78 7.58 -15.37 -2.37
CA SER B 78 7.08 -14.20 -3.05
C SER B 78 6.58 -14.60 -4.42
N GLY B 79 5.51 -13.95 -4.88
CA GLY B 79 4.95 -14.21 -6.19
C GLY B 79 5.53 -13.36 -7.29
N SER B 80 6.53 -12.54 -7.00
CA SER B 80 7.12 -11.70 -8.04
C SER B 80 8.61 -11.57 -7.73
N THR B 81 9.43 -12.39 -8.38
CA THR B 81 10.86 -12.35 -8.12
C THR B 81 11.65 -12.23 -9.40
N TRP B 82 12.81 -11.58 -9.28
CA TRP B 82 13.83 -11.48 -10.31
C TRP B 82 14.99 -12.40 -9.94
N LEU B 83 15.73 -12.86 -10.93
CA LEU B 83 16.84 -13.78 -10.70
C LEU B 83 18.17 -13.13 -11.09
N THR B 84 19.21 -13.40 -10.30
CA THR B 84 20.56 -12.95 -10.63
C THR B 84 21.50 -14.14 -10.53
N ALA B 85 22.16 -14.49 -11.64
CA ALA B 85 22.98 -15.70 -11.65
C ALA B 85 24.29 -15.48 -10.91
N ALA B 86 24.80 -16.56 -10.33
CA ALA B 86 26.07 -16.61 -9.61
C ALA B 86 26.81 -17.87 -10.04
N THR B 87 28.14 -17.84 -9.87
CA THR B 87 28.95 -18.95 -10.35
C THR B 87 28.66 -20.23 -9.58
N GLY B 88 28.71 -21.35 -10.30
CA GLY B 88 28.57 -22.65 -9.66
C GLY B 88 27.14 -23.10 -9.44
N GLY B 89 26.28 -22.91 -10.44
CA GLY B 89 24.91 -23.38 -10.35
C GLY B 89 24.06 -22.63 -9.36
N ARG B 90 24.45 -21.41 -9.01
CA ARG B 90 23.80 -20.65 -7.97
C ARG B 90 23.08 -19.45 -8.57
N ALA B 91 21.99 -19.03 -7.93
CA ALA B 91 21.38 -17.75 -8.27
C ALA B 91 20.75 -17.16 -7.02
N PHE B 92 20.45 -15.87 -7.08
CA PHE B 92 19.70 -15.19 -6.03
C PHE B 92 18.37 -14.73 -6.62
N ALA B 93 17.30 -14.99 -5.88
CA ALA B 93 15.95 -14.56 -6.21
C ALA B 93 15.54 -13.44 -5.28
N TRP B 94 14.97 -12.36 -5.85
CA TRP B 94 14.64 -11.20 -5.04
C TRP B 94 13.43 -10.49 -5.63
N GLU B 95 12.61 -9.92 -4.73
N GLU B 95 12.59 -9.92 -4.76
CA GLU B 95 11.46 -9.12 -5.15
CA GLU B 95 11.43 -9.17 -5.23
C GLU B 95 11.90 -7.68 -5.33
C GLU B 95 11.80 -7.69 -5.33
N LYS B 96 11.84 -7.19 -6.56
CA LYS B 96 12.13 -5.78 -6.80
C LYS B 96 11.11 -4.89 -6.11
N ASN B 97 11.62 -3.90 -5.38
CA ASN B 97 10.83 -2.98 -4.56
C ASN B 97 10.07 -3.69 -3.44
N GLY B 98 10.57 -4.85 -3.02
CA GLY B 98 10.08 -5.54 -1.84
C GLY B 98 11.22 -6.14 -1.01
N GLY B 99 10.90 -7.02 -0.05
CA GLY B 99 11.94 -7.51 0.82
C GLY B 99 12.38 -8.96 0.69
N TYR B 100 11.69 -9.74 -0.13
CA TYR B 100 12.00 -11.16 -0.25
C TYR B 100 13.34 -11.39 -0.92
N LEU B 101 14.14 -12.27 -0.35
CA LEU B 101 15.45 -12.59 -0.88
C LEU B 101 15.72 -14.05 -0.55
N ALA B 102 16.20 -14.81 -1.54
CA ALA B 102 16.54 -16.20 -1.31
C ALA B 102 17.72 -16.59 -2.21
N ARG B 103 18.45 -17.61 -1.78
CA ARG B 103 19.52 -18.18 -2.60
C ARG B 103 19.07 -19.52 -3.16
N VAL B 104 19.40 -19.77 -4.42
CA VAL B 104 19.15 -21.05 -5.07
C VAL B 104 20.48 -21.72 -5.34
N ASP B 105 20.61 -22.97 -4.88
CA ASP B 105 21.78 -23.80 -5.16
C ASP B 105 21.25 -25.07 -5.82
N GLY B 106 21.61 -25.27 -7.10
CA GLY B 106 20.98 -26.34 -7.85
C GLY B 106 19.50 -26.09 -8.01
N ARG B 107 18.67 -26.88 -7.31
CA ARG B 107 17.25 -26.61 -7.20
C ARG B 107 16.82 -26.49 -5.74
N THR B 108 17.76 -26.16 -4.85
CA THR B 108 17.49 -26.03 -3.42
C THR B 108 17.45 -24.56 -3.03
N VAL B 109 16.38 -24.15 -2.35
CA VAL B 109 16.15 -22.76 -1.94
C VAL B 109 16.54 -22.57 -0.48
N THR B 110 17.38 -21.57 -0.21
CA THR B 110 17.67 -21.10 1.14
C THR B 110 17.13 -19.68 1.27
N LYS B 111 16.06 -19.50 2.05
CA LYS B 111 15.53 -18.17 2.29
C LYS B 111 16.53 -17.35 3.10
N LEU B 112 16.71 -16.08 2.71
CA LEU B 112 17.68 -15.17 3.33
C LEU B 112 16.95 -14.04 4.04
N SER B 113 17.70 -13.30 4.86
CA SER B 113 17.19 -12.12 5.54
C SER B 113 17.80 -10.89 4.86
N SER B 114 17.02 -10.24 4.00
CA SER B 114 17.54 -9.09 3.26
C SER B 114 17.87 -7.94 4.21
N PRO B 115 18.96 -7.22 3.96
CA PRO B 115 19.23 -5.99 4.73
C PRO B 115 18.33 -4.83 4.34
N SER B 116 17.56 -4.97 3.26
CA SER B 116 16.66 -3.94 2.79
C SER B 116 15.28 -4.53 2.55
N ALA B 117 14.25 -3.80 2.95
CA ALA B 117 12.87 -4.15 2.66
C ALA B 117 12.39 -3.58 1.32
N ASP B 118 13.29 -3.02 0.51
CA ASP B 118 12.93 -2.33 -0.73
C ASP B 118 14.11 -2.48 -1.70
N ILE B 119 14.29 -3.70 -2.23
CA ILE B 119 15.48 -4.07 -3.00
C ILE B 119 15.36 -3.53 -4.41
N VAL B 120 16.41 -2.87 -4.90
CA VAL B 120 16.36 -2.30 -6.25
C VAL B 120 17.54 -2.77 -7.10
N GLY B 121 18.36 -3.68 -6.57
CA GLY B 121 19.41 -4.29 -7.39
C GLY B 121 20.20 -5.35 -6.64
N VAL B 122 20.77 -6.30 -7.38
CA VAL B 122 21.58 -7.39 -6.86
C VAL B 122 22.69 -7.71 -7.85
N GLY B 123 23.89 -7.94 -7.36
CA GLY B 123 25.00 -8.35 -8.21
C GLY B 123 25.84 -9.41 -7.55
N THR B 124 26.47 -10.25 -8.38
CA THR B 124 27.26 -11.38 -7.92
C THR B 124 28.69 -11.30 -8.42
N ASP B 125 29.62 -11.80 -7.61
CA ASP B 125 31.06 -11.73 -7.91
C ASP B 125 31.46 -12.99 -8.67
N LYS B 126 31.81 -12.83 -9.95
CA LYS B 126 32.07 -14.02 -10.75
C LYS B 126 33.29 -14.79 -10.25
N ALA B 127 34.21 -14.13 -9.56
CA ALA B 127 35.40 -14.81 -9.04
C ALA B 127 35.17 -15.45 -7.69
N ARG B 128 34.15 -15.02 -6.95
CA ARG B 128 33.96 -15.41 -5.55
C ARG B 128 32.49 -15.72 -5.34
N ARG B 129 32.12 -17.00 -5.43
CA ARG B 129 30.70 -17.37 -5.49
C ARG B 129 29.91 -17.03 -4.22
N ASP B 130 30.57 -16.84 -3.07
CA ASP B 130 29.86 -16.46 -1.86
C ASP B 130 29.76 -14.94 -1.67
N HIS B 131 30.25 -14.16 -2.63
CA HIS B 131 30.25 -12.71 -2.54
C HIS B 131 29.10 -12.16 -3.37
N VAL B 132 28.20 -11.41 -2.73
CA VAL B 132 27.03 -10.86 -3.39
C VAL B 132 26.75 -9.48 -2.81
N ARG B 133 26.29 -8.55 -3.66
CA ARG B 133 25.94 -7.21 -3.24
C ARG B 133 24.49 -6.93 -3.59
N LEU B 134 23.89 -6.00 -2.85
CA LEU B 134 22.47 -5.70 -2.94
C LEU B 134 22.25 -4.22 -2.65
N ALA B 135 21.30 -3.61 -3.34
CA ALA B 135 21.00 -2.20 -3.15
C ALA B 135 19.58 -1.98 -2.65
N GLY B 136 19.43 -1.04 -1.71
CA GLY B 136 18.14 -0.59 -1.25
C GLY B 136 17.69 0.68 -1.98
N SER B 137 16.40 0.98 -1.88
CA SER B 137 15.80 2.07 -2.66
C SER B 137 16.18 3.46 -2.15
N ASP B 138 16.90 3.55 -1.02
CA ASP B 138 17.50 4.81 -0.61
C ASP B 138 18.85 5.05 -1.27
N GLY B 139 19.37 4.07 -2.02
CA GLY B 139 20.67 4.16 -2.65
C GLY B 139 21.81 3.57 -1.84
N GLN B 140 21.52 2.79 -0.81
CA GLN B 140 22.56 2.17 0.02
C GLN B 140 22.91 0.79 -0.52
N LEU B 141 24.20 0.55 -0.75
CA LEU B 141 24.69 -0.77 -1.10
C LEU B 141 24.98 -1.59 0.15
N TYR B 142 24.80 -2.90 0.04
CA TYR B 142 25.12 -3.84 1.10
C TYR B 142 25.95 -4.98 0.51
N ASP B 143 26.85 -5.53 1.34
CA ASP B 143 27.81 -6.51 0.89
C ASP B 143 27.70 -7.76 1.76
N SER B 144 27.73 -8.94 1.13
CA SER B 144 27.79 -10.20 1.85
C SER B 144 28.94 -11.04 1.30
N THR B 145 29.72 -11.62 2.20
CA THR B 145 30.78 -12.55 1.81
C THR B 145 30.47 -13.98 2.19
N ASP B 146 29.27 -14.24 2.71
CA ASP B 146 28.87 -15.60 3.12
C ASP B 146 27.57 -16.01 2.45
N ALA B 147 27.49 -15.76 1.13
CA ALA B 147 26.37 -16.22 0.28
C ALA B 147 25.04 -15.61 0.68
N GLY B 148 25.04 -14.42 1.27
CA GLY B 148 23.81 -13.77 1.62
C GLY B 148 23.29 -14.04 3.02
N ALA B 149 24.02 -14.83 3.82
CA ALA B 149 23.59 -15.08 5.20
C ALA B 149 23.60 -13.81 6.02
N THR B 150 24.67 -13.02 5.91
CA THR B 150 24.82 -11.81 6.71
C THR B 150 25.33 -10.68 5.84
N TRP B 151 25.00 -9.45 6.23
CA TRP B 151 25.19 -8.29 5.40
C TRP B 151 25.79 -7.14 6.20
N LYS B 152 26.54 -6.29 5.51
CA LYS B 152 27.00 -5.02 6.05
C LYS B 152 26.79 -3.92 5.00
N PRO B 153 26.39 -2.72 5.42
CA PRO B 153 26.34 -1.60 4.48
C PRO B 153 27.72 -1.32 3.90
N LEU B 154 27.74 -0.83 2.66
CA LEU B 154 28.97 -0.57 1.93
C LEU B 154 28.86 0.80 1.27
N GLY B 155 29.84 1.67 1.52
CA GLY B 155 29.89 2.97 0.86
C GLY B 155 28.81 3.92 1.34
N LYS B 156 28.55 4.94 0.51
CA LYS B 156 27.55 5.95 0.85
C LYS B 156 26.39 5.89 -0.12
N LEU B 157 25.35 6.68 0.16
CA LEU B 157 24.14 6.68 -0.65
C LEU B 157 24.41 7.32 -2.01
N ALA B 158 23.87 6.70 -3.07
CA ALA B 158 24.21 7.13 -4.42
C ALA B 158 23.90 8.60 -4.65
N PHE B 159 22.76 9.08 -4.13
CA PHE B 159 22.33 10.47 -4.33
C PHE B 159 22.15 11.21 -3.00
N GLY B 160 22.70 10.68 -1.92
CA GLY B 160 22.48 11.29 -0.62
C GLY B 160 21.15 10.86 -0.04
N PRO B 161 20.84 11.33 1.16
CA PRO B 161 19.60 10.93 1.82
C PRO B 161 18.39 11.58 1.15
N GLY B 162 17.25 10.95 1.38
CA GLY B 162 15.98 11.48 0.91
C GLY B 162 15.60 11.09 -0.50
N ALA B 163 16.41 10.29 -1.18
CA ALA B 163 16.17 10.00 -2.59
C ALA B 163 15.34 8.73 -2.77
N SER B 164 14.71 8.64 -3.91
CA SER B 164 13.96 7.46 -4.32
C SER B 164 14.72 6.85 -5.49
N VAL B 165 15.33 5.68 -5.27
CA VAL B 165 16.23 5.08 -6.24
C VAL B 165 15.49 3.94 -6.94
N TYR B 166 15.38 4.06 -8.27
CA TYR B 166 14.67 3.09 -9.07
C TYR B 166 15.49 1.82 -9.26
N THR B 167 16.80 1.96 -9.40
CA THR B 167 17.62 0.83 -9.77
C THR B 167 19.06 1.08 -9.36
N VAL B 168 19.75 -0.01 -9.02
CA VAL B 168 21.20 -0.04 -9.07
C VAL B 168 21.57 -1.24 -9.92
N SER B 169 22.35 -1.00 -10.96
CA SER B 169 22.75 -2.02 -11.92
C SER B 169 24.25 -2.27 -11.76
N PHE B 170 24.62 -3.52 -11.53
CA PHE B 170 26.01 -3.89 -11.34
C PHE B 170 26.62 -4.41 -12.64
N ASP B 171 27.84 -4.00 -12.90
CA ASP B 171 28.64 -4.55 -13.99
C ASP B 171 28.85 -6.04 -13.74
N PRO B 172 28.41 -6.92 -14.63
CA PRO B 172 28.59 -8.37 -14.39
C PRO B 172 30.04 -8.78 -14.25
N ALA B 173 30.99 -7.96 -14.70
CA ALA B 173 32.40 -8.31 -14.62
C ALA B 173 33.13 -7.61 -13.48
N ASP B 174 32.45 -6.72 -12.73
CA ASP B 174 33.13 -5.96 -11.68
C ASP B 174 32.07 -5.37 -10.75
N LEU B 175 31.85 -6.05 -9.61
CA LEU B 175 30.86 -5.59 -8.63
C LEU B 175 31.14 -4.21 -8.09
N ASP B 176 32.37 -3.69 -8.22
CA ASP B 176 32.65 -2.35 -7.73
C ASP B 176 32.18 -1.28 -8.70
N HIS B 177 31.78 -1.68 -9.90
CA HIS B 177 31.29 -0.76 -10.93
C HIS B 177 29.77 -0.89 -11.00
N ALA B 178 29.05 0.17 -10.64
CA ALA B 178 27.59 0.12 -10.62
C ALA B 178 27.01 1.45 -11.07
N VAL B 179 25.82 1.38 -11.67
CA VAL B 179 25.06 2.56 -12.09
C VAL B 179 23.78 2.65 -11.26
N ALA B 180 23.49 3.82 -10.72
CA ALA B 180 22.27 4.07 -9.95
C ALA B 180 21.38 5.04 -10.72
N GLY B 181 20.07 4.88 -10.58
CA GLY B 181 19.11 5.77 -11.22
C GLY B 181 18.02 6.17 -10.26
N GLY B 182 17.65 7.46 -10.23
CA GLY B 182 16.73 7.93 -9.21
C GLY B 182 15.67 8.86 -9.75
N MET B 183 14.76 9.22 -8.84
CA MET B 183 13.63 10.08 -9.17
C MET B 183 14.08 11.55 -9.07
N THR B 184 14.12 12.23 -10.21
CA THR B 184 14.60 13.61 -10.43
C THR B 184 16.11 13.72 -10.27
N THR B 185 16.77 12.69 -9.76
CA THR B 185 18.20 12.75 -9.52
C THR B 185 19.02 12.24 -10.69
N GLY B 186 18.39 11.77 -11.75
CA GLY B 186 19.15 11.29 -12.89
C GLY B 186 19.97 10.05 -12.55
N GLY B 187 21.19 10.01 -13.11
CA GLY B 187 22.02 8.83 -12.97
C GLY B 187 23.28 9.10 -12.18
N ALA B 188 23.85 8.05 -11.60
CA ALA B 188 25.14 8.16 -10.93
C ALA B 188 25.94 6.91 -11.25
N VAL B 189 27.26 6.98 -11.11
CA VAL B 189 28.10 5.82 -11.38
C VAL B 189 29.18 5.74 -10.31
N THR B 190 29.49 4.51 -9.87
CA THR B 190 30.60 4.26 -8.96
C THR B 190 31.54 3.24 -9.58
N THR B 191 32.83 3.39 -9.29
CA THR B 191 33.82 2.38 -9.63
C THR B 191 34.57 1.89 -8.39
N ASP B 192 34.13 2.26 -7.19
CA ASP B 192 34.77 1.77 -5.97
C ASP B 192 33.75 1.17 -5.02
N GLY B 193 32.69 0.58 -5.56
CA GLY B 193 31.73 -0.06 -4.68
C GLY B 193 30.96 0.92 -3.82
N GLY B 194 30.65 2.11 -4.34
CA GLY B 194 29.86 3.06 -3.60
C GLY B 194 30.62 3.93 -2.62
N ALA B 195 31.95 3.78 -2.52
CA ALA B 195 32.72 4.69 -1.70
C ALA B 195 32.60 6.12 -2.21
N THR B 196 32.57 6.29 -3.53
CA THR B 196 32.27 7.58 -4.14
C THR B 196 31.33 7.35 -5.31
N TRP B 197 30.52 8.36 -5.60
CA TRP B 197 29.64 8.35 -6.76
C TRP B 197 29.87 9.62 -7.57
N THR B 198 29.77 9.48 -8.87
CA THR B 198 29.83 10.60 -9.80
C THR B 198 28.48 10.76 -10.49
N ALA B 199 27.97 11.98 -10.50
CA ALA B 199 26.71 12.24 -11.20
C ALA B 199 26.89 12.08 -12.71
N ALA B 200 25.96 11.39 -13.34
CA ALA B 200 25.99 11.25 -14.79
C ALA B 200 25.43 12.50 -15.46
N THR B 201 25.87 12.75 -16.70
CA THR B 201 25.28 13.81 -17.51
C THR B 201 24.74 13.20 -18.81
N GLY B 202 23.89 13.99 -19.49
CA GLY B 202 23.36 13.60 -20.76
C GLY B 202 21.94 13.05 -20.74
N LEU B 203 21.33 12.85 -19.56
CA LEU B 203 19.95 12.39 -19.55
C LEU B 203 18.99 13.52 -19.90
N SER B 204 19.23 14.71 -19.37
CA SER B 204 18.52 15.90 -19.80
C SER B 204 19.35 16.66 -20.83
N ALA B 205 18.67 17.24 -21.81
CA ALA B 205 19.33 18.05 -22.82
C ALA B 205 19.53 19.50 -22.40
N THR B 206 19.14 19.86 -21.17
CA THR B 206 19.19 21.22 -20.66
C THR B 206 20.10 21.27 -19.45
N ALA B 207 21.02 22.25 -19.44
CA ALA B 207 21.87 22.47 -18.27
C ALA B 207 21.04 22.62 -17.00
N GLY B 208 21.38 21.83 -15.99
CA GLY B 208 20.66 21.85 -14.73
C GLY B 208 19.34 21.12 -14.74
N GLY B 209 18.97 20.51 -15.86
CA GLY B 209 17.70 19.81 -15.94
C GLY B 209 17.70 18.53 -15.11
N LYS B 210 16.55 18.26 -14.50
CA LYS B 210 16.33 17.03 -13.75
C LYS B 210 15.97 15.89 -14.71
N SER B 211 16.12 14.65 -14.23
CA SER B 211 15.74 13.49 -15.03
C SER B 211 15.44 12.32 -14.11
N ASN B 212 14.73 11.33 -14.66
CA ASN B 212 14.56 10.02 -14.04
C ASN B 212 15.41 9.02 -14.79
N LEU B 213 16.08 8.14 -14.06
CA LEU B 213 16.72 6.96 -14.67
C LEU B 213 16.07 5.73 -14.08
N PHE B 214 15.24 5.06 -14.87
CA PHE B 214 14.45 3.94 -14.35
C PHE B 214 15.20 2.62 -14.37
N ALA B 215 16.04 2.41 -15.36
CA ALA B 215 16.63 1.11 -15.62
C ALA B 215 17.96 1.32 -16.32
N ALA B 216 18.91 0.45 -16.02
CA ALA B 216 20.21 0.49 -16.68
C ALA B 216 20.75 -0.94 -16.72
N SER B 217 21.57 -1.21 -17.73
N SER B 217 21.59 -1.19 -17.72
CA SER B 217 22.21 -2.50 -17.88
CA SER B 217 22.22 -2.49 -17.88
C SER B 217 23.59 -2.31 -18.50
C SER B 217 23.59 -2.32 -18.50
N VAL B 218 24.61 -2.86 -17.84
CA VAL B 218 25.98 -2.78 -18.35
C VAL B 218 26.19 -3.92 -19.34
N SER B 219 26.75 -3.59 -20.51
CA SER B 219 26.94 -4.61 -21.55
C SER B 219 27.90 -5.69 -21.06
N PRO B 220 27.52 -6.97 -21.13
CA PRO B 220 28.50 -8.04 -20.83
C PRO B 220 29.65 -8.07 -21.83
N ALA B 221 29.48 -7.46 -23.01
CA ALA B 221 30.48 -7.47 -24.06
C ALA B 221 31.50 -6.34 -23.93
N ASP B 222 31.23 -5.35 -23.09
CA ASP B 222 32.10 -4.19 -22.94
C ASP B 222 31.66 -3.39 -21.72
N ARG B 223 32.46 -3.45 -20.66
CA ARG B 223 32.09 -2.77 -19.42
C ARG B 223 31.91 -1.26 -19.58
N ASN B 224 32.46 -0.67 -20.64
CA ASN B 224 32.28 0.76 -20.89
C ASN B 224 30.91 1.09 -21.46
N VAL B 225 30.17 0.10 -21.93
CA VAL B 225 28.89 0.36 -22.60
C VAL B 225 27.76 0.08 -21.60
N VAL B 226 26.91 1.09 -21.40
CA VAL B 226 25.77 1.01 -20.49
C VAL B 226 24.55 1.49 -21.27
N TYR B 227 23.47 0.71 -21.24
CA TYR B 227 22.20 1.13 -21.80
C TYR B 227 21.25 1.52 -20.67
N ALA B 228 20.41 2.51 -20.92
CA ALA B 228 19.54 2.99 -19.84
C ALA B 228 18.23 3.54 -20.39
N LEU B 229 17.24 3.56 -19.49
CA LEU B 229 15.90 4.05 -19.79
C LEU B 229 15.63 5.21 -18.85
N GLY B 230 15.22 6.36 -19.41
CA GLY B 230 15.05 7.51 -18.54
C GLY B 230 14.11 8.53 -19.14
N ILE B 231 13.83 9.57 -18.35
CA ILE B 231 13.01 10.69 -18.78
C ILE B 231 13.75 11.98 -18.53
N ASP B 232 13.78 12.85 -19.54
CA ASP B 232 14.29 14.22 -19.43
C ASP B 232 13.15 15.08 -18.91
N LEU B 233 13.21 15.48 -17.64
CA LEU B 233 12.04 16.11 -17.04
C LEU B 233 11.85 17.56 -17.51
N VAL B 234 12.83 18.13 -18.19
CA VAL B 234 12.59 19.42 -18.82
C VAL B 234 11.75 19.26 -20.07
N GLU B 235 12.06 18.24 -20.87
CA GLU B 235 11.21 17.88 -22.00
C GLU B 235 9.80 17.54 -21.56
N ALA B 236 9.67 16.80 -20.46
CA ALA B 236 8.36 16.37 -19.96
C ALA B 236 7.73 17.38 -19.01
N ALA B 237 8.18 18.64 -19.05
CA ALA B 237 7.61 19.66 -18.20
C ALA B 237 6.10 19.76 -18.45
N PRO B 238 5.32 20.16 -17.45
CA PRO B 238 3.86 20.23 -17.60
C PRO B 238 3.42 21.02 -18.83
N ASN B 239 2.35 20.55 -19.47
CA ASN B 239 1.76 21.11 -20.69
C ASN B 239 2.67 21.11 -21.91
N SER B 240 3.90 20.58 -21.81
CA SER B 240 4.70 20.54 -23.02
C SER B 240 4.11 19.53 -23.99
N GLY B 241 4.32 19.76 -25.27
CA GLY B 241 3.73 18.84 -26.22
C GLY B 241 4.60 17.63 -26.43
N ALA B 242 5.54 17.42 -25.52
CA ALA B 242 6.59 16.43 -25.67
C ALA B 242 6.63 15.51 -24.46
N GLU B 243 6.77 14.22 -24.74
CA GLU B 243 7.24 13.29 -23.75
C GLU B 243 8.75 13.34 -23.70
N GLY B 244 9.31 13.10 -22.52
CA GLY B 244 10.74 13.16 -22.31
C GLY B 244 11.41 11.82 -22.22
N ARG B 245 10.74 10.74 -22.63
CA ARG B 245 11.21 9.39 -22.42
C ARG B 245 12.10 8.93 -23.57
N HIS B 246 13.23 8.30 -23.22
CA HIS B 246 14.23 7.89 -24.19
C HIS B 246 14.95 6.66 -23.69
N LEU B 247 15.55 5.93 -24.63
CA LEU B 247 16.65 5.04 -24.30
C LEU B 247 17.96 5.76 -24.56
N TYR B 248 18.95 5.44 -23.72
CA TYR B 248 20.25 6.12 -23.72
C TYR B 248 21.35 5.09 -23.79
N ARG B 249 22.52 5.55 -24.23
CA ARG B 249 23.69 4.68 -24.32
C ARG B 249 24.89 5.46 -23.84
N SER B 250 25.69 4.83 -22.99
CA SER B 250 26.96 5.38 -22.52
C SER B 250 28.08 4.53 -23.08
N THR B 251 29.19 5.17 -23.48
CA THR B 251 30.41 4.43 -23.81
C THR B 251 31.55 4.74 -22.84
N ASP B 252 31.27 5.39 -21.71
CA ASP B 252 32.28 5.63 -20.70
C ASP B 252 31.86 5.05 -19.35
N GLY B 253 31.15 3.92 -19.37
CA GLY B 253 30.83 3.23 -18.15
C GLY B 253 29.70 3.83 -17.35
N GLY B 254 28.97 4.80 -17.88
CA GLY B 254 27.89 5.41 -17.14
C GLY B 254 28.16 6.82 -16.66
N ARG B 255 29.28 7.43 -17.06
CA ARG B 255 29.51 8.83 -16.70
C ARG B 255 28.70 9.78 -17.58
N THR B 256 28.57 9.49 -18.88
CA THR B 256 27.81 10.35 -19.78
C THR B 256 26.94 9.48 -20.68
N TYR B 257 25.77 10.00 -21.04
CA TYR B 257 24.80 9.29 -21.86
C TYR B 257 24.42 10.10 -23.09
N THR B 258 24.12 9.41 -24.19
CA THR B 258 23.49 10.03 -25.34
C THR B 258 22.19 9.32 -25.66
N ARG B 259 21.22 10.08 -26.18
N ARG B 259 21.23 10.08 -26.18
CA ARG B 259 19.95 9.50 -26.59
CA ARG B 259 19.95 9.51 -26.60
C ARG B 259 20.12 8.63 -27.83
C ARG B 259 20.14 8.62 -27.82
N ILE B 260 19.54 7.43 -27.81
CA ILE B 260 19.61 6.52 -28.94
C ILE B 260 18.23 6.13 -29.48
N VAL B 261 17.20 6.16 -28.63
CA VAL B 261 15.83 5.78 -29.03
C VAL B 261 14.87 6.77 -28.39
N ASP B 262 13.93 7.28 -29.18
CA ASP B 262 12.86 8.13 -28.68
C ASP B 262 11.59 7.32 -28.48
N ASP B 263 10.72 7.83 -27.63
CA ASP B 263 9.42 7.20 -27.36
C ASP B 263 8.46 7.63 -28.47
N THR B 264 8.17 6.72 -29.41
CA THR B 264 7.39 7.01 -30.62
C THR B 264 6.42 5.87 -30.95
N PRO B 265 5.46 6.07 -31.86
CA PRO B 265 4.64 4.92 -32.30
C PRO B 265 5.46 3.81 -32.90
N ASP B 266 6.61 4.13 -33.47
CA ASP B 266 7.49 3.11 -34.02
C ASP B 266 8.23 2.35 -32.93
N THR B 267 8.69 3.04 -31.88
CA THR B 267 9.44 2.44 -30.78
C THR B 267 8.82 2.93 -29.48
N GLU B 268 7.86 2.18 -28.96
CA GLU B 268 7.08 2.61 -27.81
C GLU B 268 7.79 2.26 -26.50
N LEU B 269 7.99 3.27 -25.66
CA LEU B 269 8.71 3.10 -24.41
C LEU B 269 7.77 3.39 -23.24
N THR B 270 8.03 2.72 -22.13
CA THR B 270 7.34 2.98 -20.86
C THR B 270 8.40 3.14 -19.77
N ASN B 271 7.94 3.34 -18.53
CA ASN B 271 8.86 3.44 -17.40
C ASN B 271 9.42 2.09 -16.97
N SER B 272 9.03 1.00 -17.62
CA SER B 272 9.57 -0.30 -17.24
C SER B 272 9.94 -1.12 -18.48
N THR B 273 10.25 -0.45 -19.58
CA THR B 273 10.76 -1.12 -20.77
C THR B 273 11.94 -2.00 -20.39
N LEU B 274 11.84 -3.28 -20.73
CA LEU B 274 12.88 -4.24 -20.43
C LEU B 274 14.11 -3.99 -21.30
N LEU B 275 15.29 -3.98 -20.68
CA LEU B 275 16.56 -3.82 -21.39
C LEU B 275 17.32 -5.12 -21.36
N ALA B 276 17.81 -5.56 -22.53
CA ALA B 276 18.55 -6.81 -22.62
C ALA B 276 19.70 -6.62 -23.59
N PRO B 277 20.85 -6.14 -23.11
CA PRO B 277 22.01 -5.97 -24.00
C PRO B 277 22.48 -7.31 -24.52
N SER B 278 22.97 -7.30 -25.76
CA SER B 278 23.59 -8.51 -26.29
C SER B 278 24.74 -8.92 -25.38
N PRO B 279 24.89 -10.21 -25.07
CA PRO B 279 26.06 -10.63 -24.29
C PRO B 279 27.35 -10.64 -25.09
N VAL B 280 27.30 -10.51 -26.42
CA VAL B 280 28.49 -10.62 -27.25
C VAL B 280 28.72 -9.43 -28.15
N ASP B 281 27.72 -8.63 -28.50
CA ASP B 281 27.91 -7.48 -29.39
C ASP B 281 27.63 -6.22 -28.59
N PRO B 282 28.64 -5.41 -28.28
CA PRO B 282 28.39 -4.21 -27.48
C PRO B 282 27.54 -3.18 -28.19
N ASN B 283 27.34 -3.30 -29.50
CA ASN B 283 26.48 -2.38 -30.24
C ASN B 283 24.98 -2.70 -30.12
N VAL B 284 24.61 -3.84 -29.56
CA VAL B 284 23.26 -4.39 -29.73
C VAL B 284 22.52 -4.37 -28.40
N LEU B 285 21.32 -3.78 -28.42
CA LEU B 285 20.41 -3.80 -27.28
C LEU B 285 19.06 -4.34 -27.74
N TYR B 286 18.53 -5.33 -27.02
CA TYR B 286 17.14 -5.72 -27.21
C TYR B 286 16.27 -5.04 -26.17
N PHE B 287 15.04 -4.73 -26.54
CA PHE B 287 14.05 -4.21 -25.59
C PHE B 287 12.68 -4.58 -26.15
N GLU B 288 11.63 -4.27 -25.38
N GLU B 288 11.63 -4.21 -25.41
CA GLU B 288 10.30 -4.75 -25.73
CA GLU B 288 10.31 -4.80 -25.62
C GLU B 288 9.27 -3.68 -25.42
C GLU B 288 9.22 -3.80 -25.29
N TYR B 289 8.11 -3.87 -26.03
CA TYR B 289 6.86 -3.21 -25.67
C TYR B 289 5.76 -4.24 -25.85
N GLY B 290 4.83 -4.31 -24.90
CA GLY B 290 3.73 -5.25 -25.04
C GLY B 290 2.57 -4.83 -24.18
N THR B 291 1.36 -5.17 -24.62
CA THR B 291 0.19 -4.96 -23.77
C THR B 291 -0.89 -6.00 -24.10
N TYR B 292 -1.68 -6.33 -23.06
CA TYR B 292 -2.89 -7.12 -23.25
C TYR B 292 -3.97 -6.33 -23.99
N PHE B 293 -3.88 -5.00 -23.95
CA PHE B 293 -5.02 -4.16 -24.30
C PHE B 293 -5.34 -4.27 -25.78
N GLN B 294 -6.61 -4.60 -26.06
CA GLN B 294 -7.07 -4.84 -27.43
C GLN B 294 -6.24 -5.92 -28.11
N ALA B 295 -5.67 -6.83 -27.31
CA ALA B 295 -4.91 -7.97 -27.80
C ALA B 295 -3.77 -7.53 -28.73
N TYR B 296 -3.15 -6.38 -28.44
CA TYR B 296 -2.10 -5.87 -29.33
C TYR B 296 -0.95 -6.85 -29.43
N GLY B 297 -0.54 -7.43 -28.32
CA GLY B 297 0.58 -8.35 -28.32
C GLY B 297 1.88 -7.67 -27.94
N THR B 298 2.99 -8.19 -28.44
CA THR B 298 4.33 -7.78 -28.02
C THR B 298 5.22 -7.53 -29.22
N ASP B 299 5.98 -6.43 -29.16
CA ASP B 299 7.06 -6.16 -30.08
C ASP B 299 8.39 -6.40 -29.37
N LEU B 300 9.25 -7.20 -30.00
CA LEU B 300 10.62 -7.38 -29.55
C LEU B 300 11.51 -6.52 -30.46
N TYR B 301 12.11 -5.48 -29.89
CA TYR B 301 12.93 -4.54 -30.64
C TYR B 301 14.41 -4.92 -30.53
N ARG B 302 15.17 -4.57 -31.58
CA ARG B 302 16.62 -4.76 -31.59
C ARG B 302 17.30 -3.53 -32.16
N TYR B 303 18.09 -2.86 -31.32
CA TYR B 303 18.87 -1.68 -31.68
C TYR B 303 20.29 -2.09 -31.99
N ASP B 304 20.88 -1.46 -33.02
CA ASP B 304 22.27 -1.68 -33.42
C ASP B 304 22.96 -0.34 -33.53
N ALA B 305 23.95 -0.10 -32.67
CA ALA B 305 24.66 1.17 -32.68
C ALA B 305 25.39 1.43 -33.98
N ARG B 306 25.70 0.40 -34.78
CA ARG B 306 26.39 0.61 -36.05
C ARG B 306 25.59 1.54 -36.96
N THR B 307 24.28 1.41 -36.96
CA THR B 307 23.41 2.22 -37.81
C THR B 307 22.49 3.15 -37.04
N GLY B 308 22.33 2.96 -35.73
CA GLY B 308 21.37 3.72 -34.97
C GLY B 308 19.95 3.27 -35.16
N LYS B 309 19.70 2.24 -35.98
CA LYS B 309 18.35 1.86 -36.34
C LYS B 309 17.84 0.73 -35.45
N VAL B 310 16.52 0.64 -35.36
CA VAL B 310 15.84 -0.37 -34.54
C VAL B 310 15.01 -1.25 -35.46
N GLY B 311 15.21 -2.57 -35.34
CA GLY B 311 14.33 -3.51 -35.98
C GLY B 311 13.34 -4.07 -34.97
N LYS B 312 12.29 -4.73 -35.47
CA LYS B 312 11.34 -5.32 -34.53
C LYS B 312 10.68 -6.55 -35.12
N THR B 313 10.33 -7.47 -34.25
CA THR B 313 9.45 -8.60 -34.55
C THR B 313 8.26 -8.54 -33.60
N HIS B 314 7.21 -9.27 -33.95
CA HIS B 314 5.96 -9.20 -33.21
C HIS B 314 5.47 -10.60 -32.86
N ASN B 315 4.92 -10.75 -31.65
CA ASN B 315 4.26 -11.99 -31.26
C ASN B 315 2.98 -11.62 -30.53
N ALA B 316 2.15 -12.64 -30.29
CA ALA B 316 0.80 -12.41 -29.80
C ALA B 316 0.71 -12.33 -28.28
N HIS B 317 1.80 -12.62 -27.57
CA HIS B 317 1.71 -12.67 -26.12
C HIS B 317 1.50 -11.28 -25.53
N ASP B 318 0.96 -11.25 -24.31
CA ASP B 318 0.70 -9.99 -23.64
C ASP B 318 1.99 -9.23 -23.37
N GLY B 319 3.09 -9.94 -23.18
CA GLY B 319 4.35 -9.27 -22.93
C GLY B 319 5.46 -10.28 -22.76
N ILE B 320 6.68 -9.78 -22.87
CA ILE B 320 7.90 -10.49 -22.52
C ILE B 320 8.39 -9.91 -21.20
N SER B 321 8.39 -10.73 -20.13
CA SER B 321 8.81 -10.28 -18.80
C SER B 321 10.32 -10.31 -18.58
N ALA B 322 11.04 -11.18 -19.29
CA ALA B 322 12.45 -11.38 -19.02
C ALA B 322 13.08 -12.01 -20.25
N ILE B 323 14.39 -11.80 -20.39
CA ILE B 323 15.16 -12.33 -21.51
C ILE B 323 16.47 -12.91 -21.00
N ALA B 324 16.85 -14.08 -21.50
CA ALA B 324 18.17 -14.63 -21.26
C ALA B 324 18.71 -15.15 -22.59
N PHE B 325 20.03 -15.27 -22.68
CA PHE B 325 20.73 -15.67 -23.90
C PHE B 325 21.42 -16.99 -23.67
N ASN B 326 21.34 -17.89 -24.65
CA ASN B 326 22.11 -19.12 -24.60
C ASN B 326 23.59 -18.74 -24.69
N PRO B 327 24.43 -19.09 -23.71
CA PRO B 327 25.81 -18.60 -23.75
C PRO B 327 26.62 -19.16 -24.91
N ALA B 328 26.32 -20.39 -25.34
CA ALA B 328 27.06 -20.97 -26.45
C ALA B 328 26.55 -20.45 -27.80
N ARG B 329 25.24 -20.22 -27.91
N ARG B 329 25.23 -20.28 -27.92
CA ARG B 329 24.60 -19.83 -29.16
CA ARG B 329 24.58 -19.85 -29.15
C ARG B 329 23.68 -18.67 -28.85
C ARG B 329 23.68 -18.67 -28.78
N PRO B 330 24.23 -17.46 -28.69
CA PRO B 330 23.44 -16.33 -28.18
C PRO B 330 22.39 -15.81 -29.15
N SER B 331 22.35 -16.30 -30.40
CA SER B 331 21.18 -16.01 -31.22
C SER B 331 19.97 -16.83 -30.79
N VAL B 332 20.15 -17.77 -29.86
CA VAL B 332 19.03 -18.41 -29.19
C VAL B 332 18.71 -17.60 -27.94
N MET B 333 17.52 -17.00 -27.92
CA MET B 333 17.10 -16.13 -26.84
C MET B 333 15.91 -16.75 -26.11
N TYR B 334 16.05 -16.92 -24.80
CA TYR B 334 14.95 -17.41 -23.98
C TYR B 334 14.07 -16.24 -23.54
N LEU B 335 12.75 -16.42 -23.64
CA LEU B 335 11.80 -15.36 -23.34
C LEU B 335 10.89 -15.79 -22.20
N GLY B 336 10.87 -15.03 -21.11
CA GLY B 336 9.89 -15.24 -20.06
C GLY B 336 8.64 -14.44 -20.40
N LEU B 337 7.49 -15.08 -20.30
CA LEU B 337 6.26 -14.49 -20.84
C LEU B 337 5.26 -14.12 -19.76
N GLU B 338 4.36 -13.20 -20.13
CA GLU B 338 3.26 -12.71 -19.28
C GLU B 338 1.93 -12.98 -19.95
N GLU B 339 0.93 -13.29 -19.14
CA GLU B 339 -0.46 -13.44 -19.57
C GLU B 339 -1.28 -12.82 -18.45
N VAL B 340 -1.84 -11.64 -18.66
CA VAL B 340 -2.09 -10.73 -17.54
C VAL B 340 -3.56 -10.39 -17.33
N GLN B 341 -4.48 -10.90 -18.14
CA GLN B 341 -5.88 -10.54 -17.98
C GLN B 341 -6.73 -11.76 -17.66
N ILE B 342 -7.58 -11.65 -16.65
CA ILE B 342 -8.56 -12.68 -16.36
C ILE B 342 -9.78 -12.47 -17.27
N GLY C 3 -5.78 1.99 -20.57
CA GLY C 3 -7.03 2.39 -21.18
C GLY C 3 -7.85 3.34 -20.32
N ILE C 4 -7.14 4.27 -19.66
CA ILE C 4 -7.76 5.27 -18.79
C ILE C 4 -6.95 6.56 -18.88
N GLY C 5 -7.58 7.64 -19.35
CA GLY C 5 -6.92 8.93 -19.42
C GLY C 5 -7.03 9.73 -18.13
N ARG C 6 -6.39 10.90 -18.15
CA ARG C 6 -6.23 11.71 -16.95
C ARG C 6 -7.57 12.11 -16.35
N ASP C 7 -8.53 12.48 -17.19
CA ASP C 7 -9.83 12.92 -16.69
C ASP C 7 -10.56 11.77 -16.01
N LYS C 8 -10.60 10.60 -16.67
CA LYS C 8 -11.29 9.46 -16.10
C LYS C 8 -10.57 8.93 -14.86
N LEU C 9 -9.22 8.94 -14.88
CA LEU C 9 -8.47 8.56 -13.68
C LEU C 9 -8.85 9.42 -12.48
N GLY C 10 -8.94 10.73 -12.67
CA GLY C 10 -9.32 11.60 -11.59
C GLY C 10 -10.72 11.33 -11.08
N LYS C 11 -11.66 11.08 -11.99
CA LYS C 11 -13.03 10.80 -11.56
C LYS C 11 -13.09 9.52 -10.76
N ILE C 12 -12.44 8.47 -11.25
CA ILE C 12 -12.50 7.18 -10.59
C ILE C 12 -11.86 7.27 -9.21
N PHE C 13 -10.66 7.83 -9.12
CA PHE C 13 -10.00 7.75 -7.83
C PHE C 13 -10.49 8.81 -6.86
N TYR C 14 -10.97 9.95 -7.37
CA TYR C 14 -11.60 10.90 -6.46
C TYR C 14 -12.87 10.30 -5.86
N ARG C 15 -13.67 9.63 -6.69
CA ARG C 15 -14.88 8.99 -6.16
C ARG C 15 -14.54 7.88 -5.17
N ALA C 16 -13.48 7.10 -5.45
CA ALA C 16 -13.10 6.03 -4.53
C ALA C 16 -12.73 6.60 -3.18
N LEU C 17 -11.87 7.62 -3.17
CA LEU C 17 -11.45 8.26 -1.92
C LEU C 17 -12.63 8.86 -1.17
N THR C 18 -13.44 9.69 -1.83
N THR C 18 -13.47 9.65 -1.86
CA THR C 18 -14.46 10.44 -1.10
CA THR C 18 -14.48 10.45 -1.19
C THR C 18 -15.68 9.58 -0.74
C THR C 18 -15.68 9.61 -0.76
N GLN C 19 -16.07 8.62 -1.56
CA GLN C 19 -17.28 7.85 -1.27
C GLN C 19 -17.03 6.52 -0.58
N TYR C 20 -15.82 5.96 -0.66
CA TYR C 20 -15.65 4.57 -0.24
C TYR C 20 -14.49 4.28 0.70
N LEU C 21 -13.54 5.19 0.88
CA LEU C 21 -12.33 4.88 1.62
C LEU C 21 -12.26 5.64 2.94
N THR C 22 -11.46 5.11 3.86
CA THR C 22 -11.24 5.67 5.19
C THR C 22 -9.74 5.80 5.42
N PRO C 23 -9.32 6.51 6.47
CA PRO C 23 -7.88 6.62 6.75
C PRO C 23 -7.19 5.29 7.05
N THR C 24 -7.92 4.25 7.46
CA THR C 24 -7.31 2.95 7.71
C THR C 24 -7.53 1.95 6.58
N SER C 25 -8.09 2.38 5.46
CA SER C 25 -8.30 1.47 4.33
C SER C 25 -6.96 0.87 3.87
N ASN C 26 -6.98 -0.43 3.59
CA ASN C 26 -5.80 -1.12 3.09
C ASN C 26 -5.91 -1.30 1.58
N PHE C 27 -4.91 -1.98 1.01
CA PHE C 27 -4.85 -2.13 -0.45
C PHE C 27 -6.05 -2.90 -0.99
N SER C 28 -6.47 -3.94 -0.26
CA SER C 28 -7.63 -4.72 -0.69
C SER C 28 -8.87 -3.85 -0.80
N GLN C 29 -9.07 -2.95 0.16
CA GLN C 29 -10.25 -2.09 0.12
C GLN C 29 -10.10 -1.00 -0.94
N LEU C 30 -8.88 -0.49 -1.15
CA LEU C 30 -8.66 0.41 -2.27
C LEU C 30 -9.09 -0.24 -3.59
N ARG C 31 -8.72 -1.51 -3.80
CA ARG C 31 -9.12 -2.18 -5.04
C ARG C 31 -10.64 -2.26 -5.15
N ALA C 32 -11.30 -2.68 -4.07
CA ALA C 32 -12.77 -2.77 -4.07
C ALA C 32 -13.38 -1.41 -4.35
N ALA C 33 -12.85 -0.37 -3.69
CA ALA C 33 -13.35 1.00 -3.89
C ALA C 33 -13.12 1.49 -5.32
N ALA C 34 -11.94 1.23 -5.88
CA ALA C 34 -11.65 1.69 -7.24
C ALA C 34 -12.52 0.97 -8.26
N VAL C 35 -12.68 -0.34 -8.10
CA VAL C 35 -13.53 -1.09 -9.02
C VAL C 35 -14.98 -0.63 -8.91
N GLN C 36 -15.45 -0.41 -7.68
CA GLN C 36 -16.84 0.01 -7.53
C GLN C 36 -17.03 1.43 -8.08
N SER C 37 -16.06 2.31 -7.84
N SER C 37 -16.06 2.31 -7.84
CA SER C 37 -16.17 3.67 -8.37
CA SER C 37 -16.16 3.68 -8.35
C SER C 37 -16.24 3.68 -9.88
C SER C 37 -16.23 3.68 -9.88
N ALA C 38 -15.38 2.90 -10.54
CA ALA C 38 -15.43 2.82 -11.98
C ALA C 38 -16.73 2.17 -12.46
N THR C 39 -17.25 1.22 -11.68
CA THR C 39 -18.55 0.62 -12.02
C THR C 39 -19.66 1.66 -11.92
N ASP C 40 -19.67 2.47 -10.86
CA ASP C 40 -20.64 3.56 -10.72
C ASP C 40 -20.60 4.48 -11.94
N LEU C 41 -19.39 4.88 -12.34
CA LEU C 41 -19.24 5.93 -13.35
C LEU C 41 -19.48 5.44 -14.77
N TYR C 42 -19.07 4.20 -15.07
CA TYR C 42 -19.00 3.70 -16.45
C TYR C 42 -19.70 2.36 -16.68
N GLY C 43 -20.18 1.69 -15.64
CA GLY C 43 -20.89 0.44 -15.82
C GLY C 43 -19.97 -0.78 -15.70
N SER C 44 -20.55 -1.86 -15.20
CA SER C 44 -19.76 -3.03 -14.81
C SER C 44 -19.08 -3.70 -16.01
N THR C 45 -19.67 -3.61 -17.20
CA THR C 45 -19.10 -4.23 -18.39
C THR C 45 -18.23 -3.27 -19.20
N SER C 46 -17.84 -2.13 -18.62
CA SER C 46 -17.12 -1.10 -19.36
C SER C 46 -15.64 -1.43 -19.48
N GLN C 47 -15.00 -0.78 -20.45
CA GLN C 47 -13.55 -0.89 -20.57
C GLN C 47 -12.85 -0.27 -19.37
N GLU C 48 -13.44 0.77 -18.79
CA GLU C 48 -12.86 1.42 -17.62
C GLU C 48 -12.75 0.45 -16.45
N VAL C 49 -13.82 -0.29 -16.16
CA VAL C 49 -13.79 -1.28 -15.08
C VAL C 49 -12.77 -2.38 -15.39
N ALA C 50 -12.76 -2.85 -16.65
CA ALA C 50 -11.82 -3.89 -17.04
C ALA C 50 -10.39 -3.45 -16.80
N SER C 51 -10.08 -2.20 -17.13
CA SER C 51 -8.72 -1.68 -17.00
C SER C 51 -8.36 -1.43 -15.55
N VAL C 52 -9.32 -1.03 -14.72
CA VAL C 52 -9.04 -0.90 -13.30
C VAL C 52 -8.76 -2.26 -12.68
N LYS C 53 -9.67 -3.22 -12.89
CA LYS C 53 -9.46 -4.59 -12.43
C LYS C 53 -8.09 -5.11 -12.82
N GLN C 54 -7.74 -4.99 -14.11
CA GLN C 54 -6.48 -5.55 -14.56
C GLN C 54 -5.31 -4.86 -13.86
N ALA C 55 -5.38 -3.55 -13.67
CA ALA C 55 -4.30 -2.82 -13.00
C ALA C 55 -4.07 -3.34 -11.58
N PHE C 56 -5.14 -3.66 -10.85
CA PHE C 56 -4.96 -4.25 -9.54
C PHE C 56 -4.65 -5.74 -9.65
N ASP C 57 -5.25 -6.44 -10.63
CA ASP C 57 -4.88 -7.83 -10.90
C ASP C 57 -3.39 -7.96 -11.13
N ALA C 58 -2.77 -6.96 -11.77
CA ALA C 58 -1.35 -7.03 -12.10
C ALA C 58 -0.49 -7.18 -10.86
N VAL C 59 -0.88 -6.57 -9.74
CA VAL C 59 -0.08 -6.62 -8.52
C VAL C 59 -0.61 -7.66 -7.54
N GLY C 60 -1.40 -8.62 -8.03
CA GLY C 60 -1.88 -9.73 -7.23
C GLY C 60 -2.72 -9.35 -6.03
N VAL C 61 -3.86 -8.72 -6.26
CA VAL C 61 -4.76 -8.30 -5.17
C VAL C 61 -6.22 -8.56 -5.51
N VAL D 1 -6.80 14.66 1.02
CA VAL D 1 -7.80 15.08 0.03
C VAL D 1 -8.25 16.50 0.32
N VAL D 2 -8.27 16.87 1.61
CA VAL D 2 -8.64 18.22 1.98
C VAL D 2 -7.64 19.19 1.37
N GLY D 3 -8.14 20.19 0.65
CA GLY D 3 -7.27 21.08 -0.09
C GLY D 3 -6.88 20.62 -1.46
N ILE D 4 -7.51 19.57 -1.99
CA ILE D 4 -7.26 19.18 -3.38
C ILE D 4 -8.56 18.64 -3.98
N GLY D 5 -9.00 19.24 -5.09
CA GLY D 5 -10.24 18.88 -5.73
C GLY D 5 -10.07 17.71 -6.70
N ARG D 6 -11.20 17.31 -7.29
CA ARG D 6 -11.19 16.23 -8.27
C ARG D 6 -10.25 16.54 -9.44
N ASP D 7 -10.32 17.76 -9.97
CA ASP D 7 -9.50 18.12 -11.13
C ASP D 7 -8.02 18.04 -10.81
N LYS D 8 -7.62 18.59 -9.66
CA LYS D 8 -6.21 18.58 -9.30
C LYS D 8 -5.74 17.18 -8.94
N LEU D 9 -6.60 16.38 -8.29
CA LEU D 9 -6.22 15.01 -7.96
C LEU D 9 -5.82 14.24 -9.21
N GLY D 10 -6.66 14.30 -10.25
CA GLY D 10 -6.35 13.59 -11.47
C GLY D 10 -5.08 14.07 -12.12
N LYS D 11 -4.83 15.39 -12.09
CA LYS D 11 -3.61 15.89 -12.71
C LYS D 11 -2.38 15.42 -11.96
N ILE D 12 -2.42 15.46 -10.63
CA ILE D 12 -1.28 15.06 -9.82
C ILE D 12 -1.02 13.56 -9.97
N PHE D 13 -2.07 12.75 -9.81
N PHE D 13 -2.06 12.75 -9.87
CA PHE D 13 -1.95 11.29 -9.90
CA PHE D 13 -1.78 11.32 -9.89
C PHE D 13 -1.53 10.85 -11.30
C PHE D 13 -1.60 10.77 -11.30
N TYR D 14 -2.14 11.42 -12.33
CA TYR D 14 -1.82 11.00 -13.68
C TYR D 14 -0.36 11.30 -14.01
N ARG D 15 0.11 12.49 -13.63
CA ARG D 15 1.52 12.81 -13.86
C ARG D 15 2.43 11.91 -13.04
N ALA D 16 2.04 11.60 -11.79
CA ALA D 16 2.84 10.70 -10.97
C ALA D 16 2.95 9.33 -11.62
N LEU D 17 1.83 8.79 -12.10
CA LEU D 17 1.86 7.48 -12.74
C LEU D 17 2.68 7.51 -14.02
N THR D 18 2.42 8.49 -14.87
CA THR D 18 3.01 8.45 -16.20
C THR D 18 4.49 8.85 -16.18
N GLN D 19 4.87 9.82 -15.35
CA GLN D 19 6.24 10.33 -15.41
C GLN D 19 7.15 9.75 -14.34
N TYR D 20 6.61 9.20 -13.25
CA TYR D 20 7.44 8.83 -12.11
C TYR D 20 7.29 7.41 -11.58
N LEU D 21 6.27 6.65 -11.98
CA LEU D 21 6.02 5.37 -11.33
C LEU D 21 6.22 4.20 -12.29
N THR D 22 6.44 3.03 -11.70
CA THR D 22 6.65 1.77 -12.39
C THR D 22 5.67 0.75 -11.87
N PRO D 23 5.56 -0.41 -12.54
CA PRO D 23 4.69 -1.48 -12.04
C PRO D 23 5.08 -2.02 -10.68
N THR D 24 6.32 -1.86 -10.23
CA THR D 24 6.69 -2.35 -8.91
C THR D 24 6.69 -1.27 -7.84
N SER D 25 6.32 -0.04 -8.18
CA SER D 25 6.35 1.05 -7.22
C SER D 25 5.50 0.70 -5.99
N ASN D 26 6.05 0.95 -4.82
CA ASN D 26 5.33 0.76 -3.57
C ASN D 26 4.72 2.08 -3.12
N PHE D 27 4.05 2.05 -1.97
CA PHE D 27 3.36 3.26 -1.50
C PHE D 27 4.32 4.39 -1.16
N SER D 28 5.52 4.05 -0.68
CA SER D 28 6.50 5.10 -0.40
C SER D 28 6.92 5.84 -1.67
N GLN D 29 7.14 5.09 -2.75
CA GLN D 29 7.46 5.74 -4.02
C GLN D 29 6.25 6.48 -4.58
N LEU D 30 5.04 5.95 -4.38
CA LEU D 30 3.85 6.72 -4.76
C LEU D 30 3.82 8.07 -4.09
N ARG D 31 4.12 8.13 -2.79
CA ARG D 31 4.14 9.42 -2.11
C ARG D 31 5.19 10.34 -2.74
N ALA D 32 6.41 9.85 -2.93
CA ALA D 32 7.46 10.66 -3.55
C ALA D 32 7.02 11.17 -4.94
N ALA D 33 6.39 10.29 -5.73
CA ALA D 33 5.94 10.67 -7.07
C ALA D 33 4.82 11.70 -7.01
N ALA D 34 3.89 11.54 -6.08
CA ALA D 34 2.80 12.50 -5.97
C ALA D 34 3.31 13.86 -5.50
N VAL D 35 4.22 13.87 -4.53
CA VAL D 35 4.81 15.12 -4.06
C VAL D 35 5.54 15.82 -5.20
N GLN D 36 6.37 15.08 -5.94
CA GLN D 36 7.09 15.70 -7.04
C GLN D 36 6.14 16.16 -8.15
N SER D 37 5.10 15.38 -8.42
N SER D 37 5.11 15.37 -8.42
CA SER D 37 4.15 15.78 -9.46
CA SER D 37 4.14 15.76 -9.45
C SER D 37 3.43 17.06 -9.06
C SER D 37 3.43 17.04 -9.06
N ALA D 38 2.94 17.11 -7.83
CA ALA D 38 2.34 18.36 -7.33
C ALA D 38 3.34 19.49 -7.35
N THR D 39 4.62 19.19 -7.10
CA THR D 39 5.63 20.24 -7.16
C THR D 39 5.84 20.75 -8.58
N ASP D 40 5.90 19.83 -9.56
CA ASP D 40 5.98 20.23 -10.96
C ASP D 40 4.82 21.14 -11.34
N LEU D 41 3.60 20.78 -10.91
CA LEU D 41 2.40 21.46 -11.40
C LEU D 41 2.15 22.77 -10.67
N TYR D 42 2.43 22.83 -9.37
CA TYR D 42 1.98 23.96 -8.55
C TYR D 42 3.08 24.66 -7.79
N GLY D 43 4.28 24.11 -7.72
CA GLY D 43 5.35 24.76 -6.99
C GLY D 43 5.62 24.12 -5.65
N SER D 44 6.91 24.04 -5.28
CA SER D 44 7.31 23.31 -4.08
C SER D 44 6.69 23.91 -2.81
N THR D 45 6.38 25.21 -2.82
CA THR D 45 5.82 25.88 -1.66
C THR D 45 4.30 25.98 -1.70
N SER D 46 3.66 25.28 -2.63
CA SER D 46 2.23 25.42 -2.85
C SER D 46 1.44 24.71 -1.75
N GLN D 47 0.17 25.12 -1.63
CA GLN D 47 -0.72 24.42 -0.73
C GLN D 47 -1.03 23.01 -1.25
N GLU D 48 -1.09 22.86 -2.58
CA GLU D 48 -1.32 21.56 -3.18
C GLU D 48 -0.28 20.56 -2.70
N VAL D 49 1.00 20.96 -2.71
CA VAL D 49 2.07 20.09 -2.25
C VAL D 49 1.89 19.76 -0.77
N ALA D 50 1.64 20.79 0.06
CA ALA D 50 1.43 20.55 1.48
C ALA D 50 0.27 19.59 1.71
N SER D 51 -0.81 19.74 0.94
CA SER D 51 -1.97 18.87 1.11
C SER D 51 -1.65 17.44 0.73
N VAL D 52 -0.80 17.26 -0.28
CA VAL D 52 -0.42 15.91 -0.70
C VAL D 52 0.41 15.24 0.40
N LYS D 53 1.39 15.96 0.96
CA LYS D 53 2.17 15.41 2.07
C LYS D 53 1.25 15.03 3.23
N GLN D 54 0.36 15.94 3.63
CA GLN D 54 -0.54 15.68 4.74
C GLN D 54 -1.44 14.48 4.46
N ALA D 55 -1.88 14.32 3.21
CA ALA D 55 -2.77 13.21 2.88
C ALA D 55 -2.06 11.87 3.03
N PHE D 56 -0.81 11.77 2.58
CA PHE D 56 -0.06 10.53 2.77
C PHE D 56 0.32 10.33 4.24
N ASP D 57 0.58 11.41 4.97
CA ASP D 57 0.76 11.30 6.42
C ASP D 57 -0.47 10.68 7.08
N ALA D 58 -1.67 11.07 6.64
CA ALA D 58 -2.90 10.65 7.29
C ALA D 58 -3.27 9.20 7.01
N VAL D 59 -2.55 8.50 6.12
CA VAL D 59 -2.69 7.06 5.97
C VAL D 59 -1.43 6.33 6.40
N GLY D 60 -0.52 7.02 7.08
CA GLY D 60 0.70 6.40 7.56
C GLY D 60 1.73 6.05 6.51
N VAL D 61 1.68 6.68 5.33
CA VAL D 61 2.65 6.45 4.26
C VAL D 61 3.69 7.58 4.28
N LYS D 62 4.96 7.22 4.45
CA LYS D 62 6.01 8.24 4.55
C LYS D 62 6.92 8.24 3.33
#